data_2EW2
#
_entry.id   2EW2
#
_cell.length_a   89.165
_cell.length_b   89.160
_cell.length_c   104.754
_cell.angle_alpha   90.00
_cell.angle_beta   90.00
_cell.angle_gamma   90.00
#
_symmetry.space_group_name_H-M   'P 21 21 21'
#
loop_
_entity.id
_entity.type
_entity.pdbx_description
1 polymer '2-dehydropantoate 2-reductase, putative'
2 non-polymer 'SULFATE ION'
3 non-polymer 'MAGNESIUM ION'
4 water water
#
_entity_poly.entity_id   1
_entity_poly.type   'polypeptide(L)'
_entity_poly.pdbx_seq_one_letter_code
;SNA(MSE)KIAIAGAGA(MSE)GSRLGI(MSE)LHQGGNDVTLIDQWPAHIEAIRKNGLIADFNGEEVVANLPIFSPEEI
DHQNEQVDLIIALTKAQQLDA(MSE)FKAIQP(MSE)ITEKTYVLCLLNGLGHEDVLEKYVPKENILVGIT(MSE)WTAG
LEGPGRVKLLGDGEIELENIDPSGKKFALEVVDVFQKAGLNPSYSSNVRYSIWRKACVNGTLNGLCTILDCNIAEFGALP
VSESLVKTLISEFAAVAEKEAIYLDQAEVYTHIVQTYDPNGIGLHYPS(MSE)YQDLIKNHRLTEIDYINGAVWRKGQKY
NVATPFCA(MSE)LTQLVHGKEELLGAK
;
_entity_poly.pdbx_strand_id   A,B
#
loop_
_chem_comp.id
_chem_comp.type
_chem_comp.name
_chem_comp.formula
MG non-polymer 'MAGNESIUM ION' 'Mg 2'
SO4 non-polymer 'SULFATE ION' 'O4 S -2'
#
# COMPACT_ATOMS: atom_id res chain seq x y z
N MSE A 4 18.68 -10.51 44.47
CA MSE A 4 17.89 -9.58 43.59
C MSE A 4 16.40 -9.64 43.85
O MSE A 4 15.82 -10.72 44.01
CB MSE A 4 18.21 -9.85 42.11
CG MSE A 4 17.83 -8.68 41.18
SE MSE A 4 18.49 -8.85 39.34
CE MSE A 4 20.33 -8.29 39.59
N LYS A 5 15.78 -8.47 43.90
CA LYS A 5 14.33 -8.36 43.98
C LYS A 5 13.78 -8.23 42.56
N ILE A 6 12.93 -9.18 42.16
CA ILE A 6 12.46 -9.29 40.77
C ILE A 6 10.94 -9.32 40.74
N ALA A 7 10.35 -8.51 39.86
CA ALA A 7 8.92 -8.60 39.58
C ALA A 7 8.76 -9.17 38.19
N ILE A 8 7.84 -10.09 38.05
CA ILE A 8 7.51 -10.65 36.74
C ILE A 8 6.15 -10.10 36.29
N ALA A 9 6.19 -9.21 35.30
CA ALA A 9 4.97 -8.61 34.78
C ALA A 9 4.43 -9.49 33.67
N GLY A 10 3.46 -10.33 34.04
CA GLY A 10 2.85 -11.33 33.18
C GLY A 10 3.24 -12.71 33.64
N ALA A 11 2.37 -13.35 34.43
CA ALA A 11 2.69 -14.65 35.00
C ALA A 11 2.07 -15.81 34.21
N GLY A 12 2.15 -15.71 32.88
CA GLY A 12 1.74 -16.79 32.00
C GLY A 12 2.70 -17.96 32.12
N ALA A 13 2.75 -18.79 31.08
CA ALA A 13 3.59 -19.98 31.11
C ALA A 13 5.07 -19.62 31.28
N MSE A 14 5.60 -18.79 30.38
CA MSE A 14 6.99 -18.34 30.47
C MSE A 14 7.29 -17.59 31.78
O MSE A 14 8.30 -17.86 32.45
CB MSE A 14 7.38 -17.45 29.27
CG MSE A 14 8.85 -17.09 29.22
SE MSE A 14 9.99 -18.69 29.10
CE MSE A 14 9.15 -19.52 27.54
N GLY A 15 6.43 -16.66 32.17
CA GLY A 15 6.58 -15.92 33.43
C GLY A 15 6.64 -16.82 34.65
N SER A 16 5.78 -17.83 34.67
CA SER A 16 5.76 -18.86 35.71
C SER A 16 7.03 -19.69 35.73
N ARG A 17 7.52 -20.12 34.57
CA ARG A 17 8.83 -20.80 34.50
C ARG A 17 9.91 -19.93 35.12
N LEU A 18 10.02 -18.69 34.63
CA LEU A 18 11.06 -17.79 35.12
C LEU A 18 10.92 -17.55 36.62
N GLY A 19 9.69 -17.31 37.08
CA GLY A 19 9.41 -17.12 38.52
C GLY A 19 9.86 -18.27 39.40
N ILE A 20 9.44 -19.48 39.05
CA ILE A 20 9.87 -20.69 39.77
C ILE A 20 11.40 -20.80 39.85
N MSE A 21 12.06 -20.72 38.69
CA MSE A 21 13.50 -20.90 38.59
C MSE A 21 14.28 -19.81 39.36
O MSE A 21 15.27 -20.11 40.03
CB MSE A 21 13.95 -20.96 37.11
CG MSE A 21 13.35 -22.16 36.41
SE MSE A 21 13.93 -22.47 34.58
CE MSE A 21 15.70 -23.22 34.96
N LEU A 22 13.81 -18.56 39.28
CA LEU A 22 14.46 -17.47 39.99
C LEU A 22 14.26 -17.58 41.50
N HIS A 23 13.07 -18.01 41.90
CA HIS A 23 12.75 -18.32 43.30
C HIS A 23 13.72 -19.37 43.85
N GLN A 24 13.81 -20.49 43.14
CA GLN A 24 14.75 -21.57 43.45
C GLN A 24 16.20 -21.12 43.52
N GLY A 25 16.56 -20.12 42.71
CA GLY A 25 17.90 -19.57 42.70
C GLY A 25 18.19 -18.65 43.89
N GLY A 26 17.17 -18.41 44.71
CA GLY A 26 17.35 -17.64 45.93
C GLY A 26 16.93 -16.17 45.86
N ASN A 27 16.26 -15.79 44.77
CA ASN A 27 15.81 -14.40 44.59
C ASN A 27 14.42 -14.13 45.18
N ASP A 28 14.15 -12.87 45.52
CA ASP A 28 12.81 -12.39 45.88
C ASP A 28 11.98 -12.18 44.62
N VAL A 29 10.99 -13.04 44.39
CA VAL A 29 10.16 -12.95 43.17
C VAL A 29 8.70 -12.64 43.50
N THR A 30 8.17 -11.62 42.82
CA THR A 30 6.77 -11.25 42.93
C THR A 30 6.16 -11.34 41.52
N LEU A 31 5.01 -11.99 41.42
CA LEU A 31 4.32 -12.12 40.14
C LEU A 31 3.21 -11.09 40.05
N ILE A 32 3.01 -10.56 38.84
CA ILE A 32 1.88 -9.70 38.57
C ILE A 32 1.17 -10.24 37.33
N ASP A 33 -0.14 -10.43 37.46
CA ASP A 33 -0.89 -11.13 36.44
C ASP A 33 -2.33 -10.63 36.38
N GLN A 34 -2.97 -10.86 35.25
CA GLN A 34 -4.31 -10.32 35.01
C GLN A 34 -5.38 -11.42 34.93
N TRP A 35 -4.99 -12.67 35.20
CA TRP A 35 -5.94 -13.78 35.17
C TRP A 35 -6.42 -14.17 36.58
N PRO A 36 -7.64 -13.74 36.96
CA PRO A 36 -8.13 -13.93 38.34
C PRO A 36 -8.06 -15.37 38.89
N ALA A 37 -8.57 -16.35 38.13
CA ALA A 37 -8.48 -17.76 38.53
C ALA A 37 -7.04 -18.18 38.84
N HIS A 38 -6.12 -17.77 37.97
CA HIS A 38 -4.69 -18.06 38.09
C HIS A 38 -4.15 -17.48 39.42
N ILE A 39 -4.46 -16.21 39.66
CA ILE A 39 -4.09 -15.52 40.91
C ILE A 39 -4.63 -16.25 42.15
N GLU A 40 -5.92 -16.54 42.14
CA GLU A 40 -6.57 -17.25 43.24
C GLU A 40 -5.97 -18.62 43.52
N ALA A 41 -5.74 -19.39 42.45
CA ALA A 41 -5.09 -20.70 42.54
C ALA A 41 -3.71 -20.63 43.17
N ILE A 42 -2.91 -19.67 42.71
CA ILE A 42 -1.57 -19.49 43.24
C ILE A 42 -1.61 -19.02 44.70
N ARG A 43 -2.54 -18.13 45.02
CA ARG A 43 -2.69 -17.69 46.41
C ARG A 43 -3.11 -18.85 47.34
N LYS A 44 -4.01 -19.70 46.86
CA LYS A 44 -4.50 -20.82 47.67
C LYS A 44 -3.53 -21.99 47.78
N ASN A 45 -2.93 -22.42 46.67
CA ASN A 45 -2.12 -23.64 46.62
C ASN A 45 -0.65 -23.47 46.22
N GLY A 46 -0.22 -22.23 45.99
CA GLY A 46 1.11 -21.96 45.47
C GLY A 46 1.10 -22.17 43.96
N LEU A 47 2.18 -21.75 43.29
CA LEU A 47 2.35 -22.04 41.88
C LEU A 47 2.86 -23.48 41.77
N ILE A 48 2.07 -24.32 41.10
CA ILE A 48 2.39 -25.75 40.98
C ILE A 48 2.95 -26.04 39.61
N ALA A 49 4.18 -26.52 39.57
CA ALA A 49 4.84 -26.85 38.30
C ALA A 49 5.09 -28.35 38.16
N ASP A 50 4.67 -28.90 37.03
CA ASP A 50 5.16 -30.20 36.56
C ASP A 50 6.48 -29.88 35.88
N PHE A 51 7.55 -29.97 36.66
CA PHE A 51 8.86 -29.50 36.25
C PHE A 51 9.74 -30.70 35.97
N ASN A 52 9.82 -31.07 34.70
CA ASN A 52 10.64 -32.18 34.22
C ASN A 52 10.29 -33.51 34.90
N GLY A 53 9.00 -33.81 35.00
CA GLY A 53 8.52 -35.03 35.64
C GLY A 53 8.39 -35.00 37.16
N GLU A 54 8.90 -33.92 37.76
CA GLU A 54 8.87 -33.71 39.22
C GLU A 54 7.93 -32.57 39.57
N GLU A 55 7.10 -32.76 40.59
CA GLU A 55 6.23 -31.67 41.06
C GLU A 55 7.02 -30.65 41.88
N VAL A 56 6.92 -29.39 41.48
CA VAL A 56 7.48 -28.29 42.26
C VAL A 56 6.38 -27.29 42.61
N VAL A 57 6.23 -27.03 43.90
CA VAL A 57 5.29 -26.03 44.40
C VAL A 57 6.07 -24.83 44.92
N ALA A 58 5.75 -23.65 44.40
CA ALA A 58 6.40 -22.42 44.83
C ALA A 58 5.37 -21.46 45.39
N ASN A 59 5.53 -21.07 46.65
CA ASN A 59 4.64 -20.10 47.29
C ASN A 59 5.10 -18.67 47.00
N LEU A 60 4.81 -18.21 45.80
CA LEU A 60 5.24 -16.89 45.34
C LEU A 60 4.11 -15.92 45.55
N PRO A 61 4.43 -14.72 46.05
CA PRO A 61 3.44 -13.62 46.07
C PRO A 61 2.99 -13.27 44.65
N ILE A 62 1.68 -13.05 44.50
CA ILE A 62 1.11 -12.65 43.24
C ILE A 62 0.11 -11.52 43.50
N PHE A 63 0.07 -10.56 42.59
CA PHE A 63 -0.89 -9.49 42.63
C PHE A 63 -1.49 -9.28 41.25
N SER A 64 -2.73 -8.80 41.20
CA SER A 64 -3.24 -8.20 39.98
C SER A 64 -2.73 -6.76 39.95
N PRO A 65 -2.66 -6.14 38.76
CA PRO A 65 -2.17 -4.76 38.63
C PRO A 65 -2.93 -3.74 39.50
N GLU A 66 -4.25 -3.89 39.61
CA GLU A 66 -5.08 -2.96 40.38
C GLU A 66 -4.81 -3.01 41.90
N GLU A 67 -4.12 -4.05 42.36
CA GLU A 67 -3.83 -4.24 43.77
C GLU A 67 -2.50 -3.62 44.20
N ILE A 68 -1.68 -3.20 43.23
CA ILE A 68 -0.37 -2.61 43.54
C ILE A 68 -0.53 -1.17 43.99
N ASP A 69 0.17 -0.82 45.06
CA ASP A 69 0.17 0.55 45.56
C ASP A 69 1.49 0.85 46.27
N HIS A 70 1.51 1.97 46.98
N HIS A 70 1.54 1.96 47.00
CA HIS A 70 2.70 2.48 47.65
CA HIS A 70 2.79 2.42 47.58
C HIS A 70 3.31 1.48 48.64
C HIS A 70 3.25 1.63 48.82
N GLN A 71 2.46 0.63 49.22
CA GLN A 71 2.89 -0.32 50.26
C GLN A 71 3.75 -1.47 49.72
N ASN A 72 3.68 -1.73 48.41
CA ASN A 72 4.41 -2.84 47.81
C ASN A 72 5.91 -2.62 47.84
N GLU A 73 6.67 -3.71 47.89
CA GLU A 73 8.13 -3.60 47.94
C GLU A 73 8.67 -3.13 46.57
N GLN A 74 9.79 -2.42 46.58
CA GLN A 74 10.47 -1.97 45.35
C GLN A 74 11.34 -3.09 44.81
N VAL A 75 11.60 -3.06 43.50
CA VAL A 75 12.32 -4.16 42.88
C VAL A 75 13.54 -3.66 42.11
N ASP A 76 14.48 -4.57 41.93
CA ASP A 76 15.70 -4.29 41.18
C ASP A 76 15.45 -4.51 39.69
N LEU A 77 14.64 -5.54 39.39
CA LEU A 77 14.38 -5.95 38.00
C LEU A 77 12.92 -6.29 37.79
N ILE A 78 12.37 -5.79 36.69
CA ILE A 78 11.05 -6.22 36.21
C ILE A 78 11.30 -6.97 34.91
N ILE A 79 10.82 -8.21 34.83
CA ILE A 79 10.81 -8.96 33.58
C ILE A 79 9.43 -8.77 32.94
N ALA A 80 9.40 -8.14 31.78
CA ALA A 80 8.14 -7.83 31.11
C ALA A 80 7.79 -8.91 30.11
N LEU A 81 6.69 -9.60 30.38
CA LEU A 81 6.14 -10.62 29.47
C LEU A 81 4.72 -10.25 29.01
N THR A 82 4.14 -9.22 29.59
CA THR A 82 2.82 -8.74 29.24
C THR A 82 2.77 -8.37 27.75
N LYS A 83 1.75 -8.83 27.04
CA LYS A 83 1.63 -8.51 25.62
C LYS A 83 1.56 -6.99 25.37
N ALA A 84 1.95 -6.59 24.16
CA ALA A 84 2.22 -5.21 23.86
C ALA A 84 1.03 -4.31 24.12
N GLN A 85 -0.18 -4.80 23.80
CA GLN A 85 -1.37 -3.97 23.98
C GLN A 85 -1.82 -3.75 25.43
N GLN A 86 -1.28 -4.54 26.38
CA GLN A 86 -1.50 -4.26 27.82
C GLN A 86 -0.26 -3.74 28.56
N LEU A 87 0.86 -3.63 27.85
CA LEU A 87 2.13 -3.20 28.47
C LEU A 87 2.07 -1.84 29.19
N ASP A 88 1.53 -0.81 28.53
CA ASP A 88 1.48 0.52 29.15
C ASP A 88 0.66 0.51 30.45
N ALA A 89 -0.53 -0.11 30.38
CA ALA A 89 -1.42 -0.26 31.53
C ALA A 89 -0.78 -1.06 32.67
N MSE A 90 -0.09 -2.14 32.33
CA MSE A 90 0.66 -2.92 33.32
C MSE A 90 1.73 -2.08 34.03
O MSE A 90 1.82 -2.04 35.26
CB MSE A 90 1.29 -4.15 32.64
CG MSE A 90 2.30 -4.90 33.49
SE MSE A 90 1.47 -5.70 35.08
CE MSE A 90 0.64 -7.30 34.30
N PHE A 91 2.53 -1.35 33.25
CA PHE A 91 3.60 -0.55 33.82
C PHE A 91 3.12 0.65 34.64
N LYS A 92 2.03 1.27 34.21
CA LYS A 92 1.39 2.31 35.00
C LYS A 92 0.96 1.79 36.36
N ALA A 93 0.43 0.57 36.39
CA ALA A 93 -0.03 -0.05 37.65
C ALA A 93 1.12 -0.39 38.59
N ILE A 94 2.22 -0.90 38.04
CA ILE A 94 3.32 -1.34 38.89
C ILE A 94 4.37 -0.25 39.21
N GLN A 95 4.12 0.98 38.73
CA GLN A 95 4.94 2.16 39.03
C GLN A 95 5.41 2.31 40.49
N PRO A 96 4.52 2.10 41.48
CA PRO A 96 5.01 2.18 42.89
C PRO A 96 6.20 1.27 43.22
N MSE A 97 6.39 0.19 42.46
CA MSE A 97 7.50 -0.75 42.70
C MSE A 97 8.82 -0.35 42.03
O MSE A 97 9.87 -0.98 42.25
CB MSE A 97 7.09 -2.14 42.23
CG MSE A 97 5.85 -2.66 42.94
SE MSE A 97 5.33 -4.40 42.27
CE MSE A 97 6.51 -5.56 43.32
N ILE A 98 8.76 0.72 41.22
CA ILE A 98 9.89 1.16 40.40
C ILE A 98 10.65 2.32 41.03
N THR A 99 11.97 2.19 41.11
CA THR A 99 12.84 3.33 41.47
C THR A 99 13.73 3.69 40.27
N GLU A 100 14.53 4.75 40.42
CA GLU A 100 15.46 5.16 39.36
C GLU A 100 16.49 4.08 39.05
N LYS A 101 16.70 3.17 40.01
CA LYS A 101 17.64 2.06 39.85
C LYS A 101 17.00 0.77 39.30
N THR A 102 15.69 0.77 39.07
CA THR A 102 15.02 -0.43 38.58
C THR A 102 15.31 -0.65 37.10
N TYR A 103 15.71 -1.88 36.77
CA TYR A 103 15.89 -2.26 35.36
C TYR A 103 14.69 -3.07 34.84
N VAL A 104 14.49 -3.04 33.52
CA VAL A 104 13.46 -3.85 32.89
C VAL A 104 14.11 -4.74 31.85
N LEU A 105 13.77 -6.02 31.91
CA LEU A 105 14.13 -6.93 30.85
C LEU A 105 12.88 -7.20 30.02
N CYS A 106 12.85 -6.66 28.80
CA CYS A 106 11.70 -6.85 27.92
C CYS A 106 11.86 -8.12 27.09
N LEU A 107 11.00 -9.10 27.33
CA LEU A 107 11.04 -10.35 26.57
C LEU A 107 9.94 -10.46 25.52
N LEU A 108 9.28 -9.34 25.24
CA LEU A 108 8.23 -9.28 24.22
C LEU A 108 8.77 -9.47 22.82
N ASN A 109 7.92 -10.02 21.95
CA ASN A 109 8.15 -10.03 20.52
C ASN A 109 7.93 -8.64 19.93
N GLY A 110 8.55 -8.37 18.78
CA GLY A 110 8.27 -7.14 18.05
C GLY A 110 9.11 -5.95 18.46
N LEU A 111 8.73 -4.78 17.96
CA LEU A 111 9.57 -3.60 18.00
C LEU A 111 9.06 -2.46 18.84
N GLY A 112 10.02 -1.72 19.41
CA GLY A 112 9.75 -0.39 19.91
C GLY A 112 9.18 -0.28 21.31
N HIS A 113 9.17 -1.38 22.05
CA HIS A 113 8.54 -1.40 23.38
C HIS A 113 9.19 -0.42 24.36
N GLU A 114 10.44 -0.03 24.06
CA GLU A 114 11.20 0.90 24.89
C GLU A 114 10.56 2.28 24.93
N ASP A 115 9.76 2.62 23.91
CA ASP A 115 9.02 3.89 23.91
C ASP A 115 7.93 3.93 24.98
N VAL A 116 7.26 2.81 25.21
CA VAL A 116 6.37 2.71 26.39
C VAL A 116 7.18 2.67 27.69
N LEU A 117 8.18 1.79 27.74
CA LEU A 117 8.97 1.56 28.97
C LEU A 117 9.71 2.79 29.50
N GLU A 118 10.16 3.68 28.60
N GLU A 118 10.16 3.67 28.59
CA GLU A 118 10.91 4.87 29.02
CA GLU A 118 10.88 4.89 28.96
C GLU A 118 10.06 5.93 29.74
C GLU A 118 10.07 5.91 29.76
N LYS A 119 8.74 5.76 29.77
CA LYS A 119 7.86 6.59 30.58
C LYS A 119 7.98 6.19 32.07
N TYR A 120 8.54 5.01 32.34
CA TYR A 120 8.51 4.44 33.69
C TYR A 120 9.89 4.23 34.29
N VAL A 121 10.88 4.21 33.42
CA VAL A 121 12.21 3.78 33.76
C VAL A 121 13.16 4.51 32.80
N PRO A 122 14.35 4.95 33.28
CA PRO A 122 15.31 5.50 32.34
C PRO A 122 15.68 4.51 31.21
N LYS A 123 15.98 5.07 30.03
CA LYS A 123 16.30 4.29 28.84
C LYS A 123 17.51 3.40 29.07
N GLU A 124 18.49 3.95 29.78
CA GLU A 124 19.70 3.22 30.13
C GLU A 124 19.40 1.98 30.97
N ASN A 125 18.21 1.95 31.56
CA ASN A 125 17.79 0.83 32.42
C ASN A 125 17.03 -0.28 31.70
N ILE A 126 16.97 -0.17 30.38
CA ILE A 126 16.20 -1.13 29.59
C ILE A 126 17.09 -2.18 28.93
N LEU A 127 16.74 -3.43 29.16
CA LEU A 127 17.37 -4.59 28.56
C LEU A 127 16.34 -5.25 27.67
N VAL A 128 16.80 -5.90 26.60
CA VAL A 128 15.91 -6.70 25.76
C VAL A 128 16.46 -8.11 25.74
N GLY A 129 15.58 -9.08 25.59
CA GLY A 129 15.99 -10.45 25.57
C GLY A 129 15.15 -11.34 24.66
N ILE A 130 15.69 -12.50 24.36
CA ILE A 130 14.99 -13.53 23.62
C ILE A 130 15.10 -14.78 24.46
N THR A 131 13.99 -15.48 24.66
CA THR A 131 14.04 -16.75 25.38
C THR A 131 13.76 -17.92 24.44
N MSE A 132 14.52 -18.98 24.61
CA MSE A 132 14.33 -20.18 23.81
C MSE A 132 13.79 -21.31 24.67
O MSE A 132 13.63 -22.42 24.20
CB MSE A 132 15.61 -20.55 23.08
CG MSE A 132 15.96 -19.58 21.94
SE MSE A 132 17.04 -18.09 22.60
CE MSE A 132 18.70 -18.42 21.51
N TRP A 133 13.47 -21.01 25.93
CA TRP A 133 12.78 -21.94 26.81
C TRP A 133 11.38 -22.15 26.29
N THR A 134 10.79 -23.29 26.62
CA THR A 134 9.38 -23.50 26.34
C THR A 134 8.63 -23.56 27.68
N ALA A 135 7.31 -23.40 27.63
CA ALA A 135 6.50 -23.54 28.85
C ALA A 135 5.04 -23.71 28.48
N GLY A 136 4.29 -24.44 29.29
CA GLY A 136 2.86 -24.60 29.09
C GLY A 136 2.04 -24.45 30.35
N LEU A 137 0.94 -23.71 30.26
CA LEU A 137 -0.05 -23.61 31.34
C LEU A 137 -1.07 -24.74 31.19
N GLU A 138 -1.20 -25.54 32.24
CA GLU A 138 -2.16 -26.65 32.24
C GLU A 138 -3.54 -26.20 32.73
N GLY A 139 -3.57 -25.04 33.38
CA GLY A 139 -4.77 -24.51 34.01
C GLY A 139 -4.35 -23.45 34.99
N PRO A 140 -5.31 -22.81 35.70
CA PRO A 140 -4.93 -21.78 36.67
C PRO A 140 -4.01 -22.33 37.76
N GLY A 141 -2.91 -21.62 38.01
CA GLY A 141 -1.94 -22.02 39.02
C GLY A 141 -1.12 -23.27 38.74
N ARG A 142 -1.23 -23.81 37.53
N ARG A 142 -1.23 -23.79 37.51
CA ARG A 142 -0.50 -25.04 37.18
CA ARG A 142 -0.56 -25.02 37.11
C ARG A 142 0.21 -24.93 35.83
C ARG A 142 0.23 -24.82 35.82
N VAL A 143 1.52 -25.15 35.85
CA VAL A 143 2.35 -25.12 34.63
C VAL A 143 3.09 -26.42 34.36
N LYS A 144 3.30 -26.69 33.07
CA LYS A 144 4.07 -27.84 32.61
C LYS A 144 5.38 -27.32 32.04
N LEU A 145 6.49 -27.76 32.64
CA LEU A 145 7.82 -27.30 32.24
C LEU A 145 8.68 -28.47 31.77
N LEU A 146 9.01 -28.47 30.48
CA LEU A 146 9.81 -29.54 29.88
C LEU A 146 10.96 -28.95 29.06
N GLY A 147 11.99 -29.77 28.86
CA GLY A 147 13.06 -29.45 27.92
C GLY A 147 14.11 -28.46 28.42
N ASP A 148 15.00 -28.06 27.53
N ASP A 148 14.98 -28.08 27.50
CA ASP A 148 16.07 -27.12 27.86
CA ASP A 148 16.07 -27.14 27.77
C ASP A 148 15.78 -25.79 27.15
C ASP A 148 15.73 -25.76 27.21
N GLY A 149 16.71 -24.87 27.22
CA GLY A 149 16.53 -23.56 26.63
C GLY A 149 17.61 -22.62 27.12
N GLU A 150 17.47 -21.36 26.74
CA GLU A 150 18.42 -20.33 27.09
C GLU A 150 17.76 -18.95 26.95
N ILE A 151 18.41 -17.93 27.50
CA ILE A 151 17.96 -16.56 27.35
C ILE A 151 19.16 -15.77 26.89
N GLU A 152 19.00 -15.05 25.79
CA GLU A 152 19.99 -14.10 25.34
C GLU A 152 19.48 -12.72 25.68
N LEU A 153 20.35 -11.88 26.21
CA LEU A 153 19.96 -10.51 26.52
C LEU A 153 21.03 -9.49 26.18
N GLU A 154 20.59 -8.24 26.11
CA GLU A 154 21.42 -7.12 25.70
C GLU A 154 20.87 -5.84 26.28
N ASN A 155 21.74 -4.99 26.83
CA ASN A 155 21.38 -3.62 27.19
C ASN A 155 21.12 -2.82 25.91
N ILE A 156 20.09 -1.98 25.91
CA ILE A 156 19.84 -1.15 24.74
C ILE A 156 20.66 0.13 24.74
N ASP A 157 21.15 0.50 25.90
CA ASP A 157 21.92 1.72 26.06
C ASP A 157 23.29 1.34 26.64
N PRO A 158 24.38 1.99 26.15
CA PRO A 158 25.71 1.53 26.56
C PRO A 158 25.95 1.62 28.07
N SER A 159 25.30 2.56 28.75
CA SER A 159 25.40 2.65 30.21
C SER A 159 24.80 1.47 30.99
N GLY A 160 23.96 0.67 30.33
CA GLY A 160 23.32 -0.47 30.98
C GLY A 160 24.10 -1.78 30.96
N LYS A 161 25.33 -1.74 30.44
CA LYS A 161 26.15 -2.95 30.27
C LYS A 161 26.46 -3.66 31.60
N LYS A 162 26.93 -2.90 32.58
CA LYS A 162 27.28 -3.46 33.88
C LYS A 162 26.10 -4.21 34.53
N PHE A 163 24.92 -3.60 34.56
CA PHE A 163 23.76 -4.27 35.13
C PHE A 163 23.29 -5.44 34.27
N ALA A 164 23.42 -5.34 32.94
CA ALA A 164 23.11 -6.48 32.08
C ALA A 164 23.95 -7.71 32.48
N LEU A 165 25.23 -7.48 32.78
CA LEU A 165 26.11 -8.59 33.21
C LEU A 165 25.70 -9.14 34.57
N GLU A 166 25.21 -8.28 35.44
N GLU A 166 25.26 -8.27 35.47
CA GLU A 166 24.72 -8.70 36.76
CA GLU A 166 24.71 -8.69 36.76
C GLU A 166 23.41 -9.53 36.68
C GLU A 166 23.48 -9.61 36.58
N VAL A 167 22.56 -9.22 35.69
CA VAL A 167 21.36 -10.03 35.42
C VAL A 167 21.74 -11.41 34.84
N VAL A 168 22.69 -11.42 33.91
CA VAL A 168 23.26 -12.68 33.44
C VAL A 168 23.73 -13.60 34.60
N ASP A 169 24.48 -13.04 35.56
CA ASP A 169 24.99 -13.80 36.72
C ASP A 169 23.85 -14.36 37.59
N VAL A 170 22.88 -13.51 37.89
CA VAL A 170 21.64 -13.95 38.57
C VAL A 170 20.96 -15.11 37.82
N PHE A 171 20.75 -14.92 36.51
CA PHE A 171 20.08 -15.92 35.67
C PHE A 171 20.90 -17.24 35.58
N GLN A 172 22.22 -17.10 35.59
CA GLN A 172 23.12 -18.23 35.53
C GLN A 172 22.92 -19.13 36.76
N LYS A 173 22.93 -18.50 37.93
N LYS A 173 22.97 -18.50 37.93
CA LYS A 173 22.75 -19.21 39.19
CA LYS A 173 22.72 -19.17 39.21
C LYS A 173 21.35 -19.80 39.36
C LYS A 173 21.39 -19.92 39.19
N ALA A 174 20.39 -19.29 38.58
CA ALA A 174 19.02 -19.80 38.55
C ALA A 174 18.78 -20.90 37.52
N GLY A 175 19.83 -21.25 36.77
CA GLY A 175 19.73 -22.32 35.78
C GLY A 175 19.08 -21.93 34.45
N LEU A 176 18.97 -20.63 34.18
CA LEU A 176 18.26 -20.17 32.99
C LEU A 176 19.08 -20.21 31.71
N ASN A 177 20.35 -20.58 31.83
CA ASN A 177 21.27 -20.65 30.69
C ASN A 177 21.35 -19.31 29.91
N PRO A 178 21.66 -18.21 30.63
CA PRO A 178 21.71 -16.91 29.96
C PRO A 178 23.02 -16.69 29.21
N SER A 179 22.99 -15.81 28.22
CA SER A 179 24.21 -15.21 27.73
C SER A 179 23.98 -13.76 27.37
N TYR A 180 25.02 -12.96 27.53
CA TYR A 180 25.02 -11.64 26.96
C TYR A 180 25.24 -11.83 25.48
N SER A 181 24.41 -11.17 24.67
CA SER A 181 24.56 -11.18 23.23
C SER A 181 24.48 -9.80 22.60
N SER A 182 25.47 -9.47 21.77
N SER A 182 25.47 -9.47 21.77
CA SER A 182 25.45 -8.21 21.02
CA SER A 182 25.45 -8.21 21.02
C SER A 182 24.53 -8.31 19.79
C SER A 182 24.61 -8.34 19.75
N ASN A 183 23.90 -9.47 19.61
CA ASN A 183 23.02 -9.74 18.45
C ASN A 183 21.50 -9.74 18.69
N VAL A 184 21.05 -9.52 19.91
CA VAL A 184 19.62 -9.66 20.17
C VAL A 184 18.74 -8.58 19.53
N ARG A 185 19.15 -7.32 19.61
CA ARG A 185 18.43 -6.23 18.96
C ARG A 185 18.40 -6.43 17.45
N TYR A 186 19.52 -6.87 16.88
CA TYR A 186 19.59 -7.19 15.45
C TYR A 186 18.60 -8.31 15.10
N SER A 187 18.61 -9.42 15.84
N SER A 187 18.62 -9.41 15.86
CA SER A 187 17.70 -10.53 15.55
CA SER A 187 17.72 -10.54 15.61
C SER A 187 16.22 -10.11 15.62
C SER A 187 16.24 -10.14 15.66
N ILE A 188 15.88 -9.30 16.61
CA ILE A 188 14.50 -8.77 16.75
C ILE A 188 14.11 -7.88 15.57
N TRP A 189 15.02 -6.97 15.18
CA TRP A 189 14.83 -6.16 13.98
C TRP A 189 14.68 -7.01 12.74
N ARG A 190 15.52 -8.04 12.61
CA ARG A 190 15.50 -8.91 11.46
C ARG A 190 14.19 -9.68 11.35
N LYS A 191 13.75 -10.23 12.48
CA LYS A 191 12.48 -10.96 12.58
C LYS A 191 11.30 -10.04 12.25
N ALA A 192 11.31 -8.82 12.79
CA ALA A 192 10.24 -7.84 12.49
C ALA A 192 10.14 -7.56 10.99
N CYS A 193 11.28 -7.55 10.31
CA CYS A 193 11.34 -7.42 8.86
C CYS A 193 10.53 -8.48 8.16
N VAL A 194 10.78 -9.73 8.56
CA VAL A 194 10.03 -10.85 8.04
C VAL A 194 8.55 -10.68 8.36
N ASN A 195 8.24 -10.28 9.59
CA ASN A 195 6.85 -10.12 10.00
C ASN A 195 6.18 -8.86 9.43
N GLY A 196 6.98 -7.97 8.88
CA GLY A 196 6.52 -6.70 8.33
C GLY A 196 6.33 -6.75 6.82
N THR A 197 6.49 -7.94 6.24
CA THR A 197 6.30 -8.12 4.83
C THR A 197 5.13 -9.08 4.58
N LEU A 198 5.40 -10.38 4.68
CA LEU A 198 4.41 -11.42 4.35
C LEU A 198 3.10 -11.29 5.12
N ASN A 199 3.20 -10.98 6.42
CA ASN A 199 2.03 -10.84 7.27
C ASN A 199 1.00 -9.89 6.66
N GLY A 200 1.37 -8.62 6.57
CA GLY A 200 0.48 -7.59 6.08
C GLY A 200 0.09 -7.74 4.63
N LEU A 201 1.02 -8.23 3.80
CA LEU A 201 0.80 -8.31 2.35
C LEU A 201 -0.11 -9.47 1.95
N CYS A 202 0.09 -10.64 2.58
CA CYS A 202 -0.84 -11.76 2.42
C CYS A 202 -2.22 -11.45 2.99
N THR A 203 -2.24 -10.72 4.10
CA THR A 203 -3.49 -10.36 4.74
C THR A 203 -4.34 -9.44 3.84
N ILE A 204 -3.68 -8.46 3.21
CA ILE A 204 -4.37 -7.51 2.35
C ILE A 204 -4.72 -8.12 1.00
N LEU A 205 -3.79 -8.85 0.39
CA LEU A 205 -4.00 -9.41 -0.94
C LEU A 205 -4.83 -10.70 -0.91
N ASP A 206 -5.01 -11.24 0.29
CA ASP A 206 -5.61 -12.56 0.50
C ASP A 206 -4.98 -13.69 -0.32
N CYS A 207 -3.86 -14.20 0.17
CA CYS A 207 -3.15 -15.31 -0.47
C CYS A 207 -2.20 -15.99 0.53
N ASN A 208 -1.67 -17.15 0.15
CA ASN A 208 -0.67 -17.80 0.97
C ASN A 208 0.74 -17.31 0.61
N ILE A 209 1.74 -17.81 1.34
CA ILE A 209 3.10 -17.31 1.21
C ILE A 209 3.70 -17.56 -0.17
N ALA A 210 3.50 -18.76 -0.71
CA ALA A 210 4.07 -19.10 -2.01
C ALA A 210 3.36 -18.34 -3.13
N GLU A 211 2.05 -18.15 -2.99
CA GLU A 211 1.27 -17.35 -3.95
C GLU A 211 1.74 -15.91 -3.99
N PHE A 212 2.01 -15.34 -2.81
CA PHE A 212 2.57 -14.00 -2.79
C PHE A 212 3.94 -13.97 -3.47
N GLY A 213 4.83 -14.87 -3.03
CA GLY A 213 6.17 -14.96 -3.57
C GLY A 213 6.23 -15.05 -5.08
N ALA A 214 5.24 -15.70 -5.68
CA ALA A 214 5.17 -15.89 -7.13
C ALA A 214 4.72 -14.64 -7.90
N LEU A 215 4.16 -13.64 -7.21
CA LEU A 215 3.75 -12.39 -7.89
C LEU A 215 4.95 -11.63 -8.43
N PRO A 216 4.86 -11.10 -9.67
CA PRO A 216 5.95 -10.27 -10.20
C PRO A 216 6.26 -9.03 -9.36
N VAL A 217 5.28 -8.54 -8.60
CA VAL A 217 5.47 -7.38 -7.73
C VAL A 217 6.06 -7.72 -6.37
N SER A 218 6.26 -9.00 -6.07
CA SER A 218 6.62 -9.38 -4.70
C SER A 218 8.01 -8.83 -4.35
N GLU A 219 8.93 -8.90 -5.30
CA GLU A 219 10.30 -8.43 -5.06
C GLU A 219 10.35 -6.96 -4.67
N SER A 220 9.70 -6.11 -5.44
N SER A 220 9.69 -6.12 -5.44
CA SER A 220 9.72 -4.67 -5.19
CA SER A 220 9.70 -4.68 -5.20
C SER A 220 9.00 -4.30 -3.88
C SER A 220 9.00 -4.29 -3.89
N LEU A 221 7.84 -4.89 -3.63
CA LEU A 221 7.12 -4.67 -2.35
C LEU A 221 7.96 -5.06 -1.13
N VAL A 222 8.51 -6.28 -1.14
CA VAL A 222 9.31 -6.79 -0.03
C VAL A 222 10.56 -5.92 0.15
N LYS A 223 11.29 -5.68 -0.94
CA LYS A 223 12.52 -4.89 -0.83
C LYS A 223 12.28 -3.44 -0.38
N THR A 224 11.19 -2.83 -0.84
CA THR A 224 10.87 -1.47 -0.38
C THR A 224 10.60 -1.48 1.12
N LEU A 225 9.84 -2.45 1.57
CA LEU A 225 9.58 -2.57 2.99
C LEU A 225 10.86 -2.86 3.80
N ILE A 226 11.70 -3.79 3.36
CA ILE A 226 12.98 -4.05 4.05
C ILE A 226 13.81 -2.76 4.20
N SER A 227 13.88 -1.98 3.12
N SER A 227 13.88 -1.97 3.13
CA SER A 227 14.66 -0.73 3.13
CA SER A 227 14.68 -0.73 3.14
C SER A 227 14.20 0.28 4.18
C SER A 227 14.20 0.29 4.18
N GLU A 228 12.89 0.35 4.39
CA GLU A 228 12.30 1.23 5.38
C GLU A 228 12.62 0.76 6.80
N PHE A 229 12.45 -0.53 7.08
CA PHE A 229 12.89 -1.11 8.36
C PHE A 229 14.39 -0.80 8.58
N ALA A 230 15.21 -1.08 7.56
CA ALA A 230 16.65 -0.80 7.65
C ALA A 230 17.01 0.68 7.88
N ALA A 231 16.27 1.60 7.25
CA ALA A 231 16.53 3.04 7.41
C ALA A 231 16.24 3.51 8.84
N VAL A 232 15.17 2.97 9.43
CA VAL A 232 14.83 3.30 10.81
C VAL A 232 15.81 2.63 11.81
N ALA A 233 16.09 1.35 11.59
CA ALA A 233 17.02 0.58 12.43
C ALA A 233 18.43 1.19 12.49
N GLU A 234 18.86 1.76 11.36
CA GLU A 234 20.16 2.43 11.23
C GLU A 234 20.27 3.62 12.21
N LYS A 235 19.16 4.31 12.43
CA LYS A 235 19.09 5.40 13.40
C LYS A 235 19.26 4.89 14.82
N GLU A 236 19.01 3.61 15.03
CA GLU A 236 19.20 3.01 16.35
C GLU A 236 20.47 2.14 16.36
N ALA A 237 21.36 2.40 15.40
CA ALA A 237 22.67 1.72 15.31
C ALA A 237 22.57 0.22 15.14
N ILE A 238 21.54 -0.19 14.40
CA ILE A 238 21.41 -1.57 13.97
C ILE A 238 21.46 -1.53 12.44
N TYR A 239 22.35 -2.33 11.86
CA TYR A 239 22.65 -2.23 10.42
C TYR A 239 22.26 -3.51 9.72
N LEU A 240 21.00 -3.58 9.26
CA LEU A 240 20.44 -4.78 8.69
C LEU A 240 21.08 -5.16 7.39
N ASP A 241 21.36 -6.44 7.24
CA ASP A 241 21.86 -6.98 5.99
C ASP A 241 20.65 -7.20 5.09
N GLN A 242 20.34 -6.23 4.24
CA GLN A 242 19.10 -6.26 3.46
C GLN A 242 19.03 -7.39 2.46
N ALA A 243 20.18 -7.73 1.87
CA ALA A 243 20.23 -8.84 0.91
C ALA A 243 19.97 -10.17 1.59
N GLU A 244 20.56 -10.42 2.77
CA GLU A 244 20.26 -11.68 3.42
C GLU A 244 18.84 -11.74 4.02
N VAL A 245 18.31 -10.60 4.46
CA VAL A 245 16.92 -10.54 4.91
C VAL A 245 16.01 -10.96 3.74
N TYR A 246 16.30 -10.45 2.55
CA TYR A 246 15.52 -10.81 1.37
C TYR A 246 15.64 -12.31 1.04
N THR A 247 16.84 -12.85 1.12
CA THR A 247 17.07 -14.28 0.87
C THR A 247 16.30 -15.14 1.86
N HIS A 248 16.32 -14.72 3.12
CA HIS A 248 15.54 -15.35 4.16
C HIS A 248 14.04 -15.38 3.84
N ILE A 249 13.50 -14.27 3.35
CA ILE A 249 12.06 -14.21 3.03
C ILE A 249 11.74 -15.07 1.80
N VAL A 250 12.59 -14.99 0.79
CA VAL A 250 12.43 -15.77 -0.44
C VAL A 250 12.40 -17.29 -0.20
N GLN A 251 13.14 -17.74 0.82
CA GLN A 251 13.16 -19.15 1.20
C GLN A 251 11.81 -19.65 1.73
N THR A 252 11.02 -18.76 2.34
CA THR A 252 9.71 -19.12 2.86
C THR A 252 8.72 -19.47 1.76
N TYR A 253 9.03 -19.08 0.52
CA TYR A 253 8.11 -19.32 -0.61
C TYR A 253 8.04 -20.79 -1.01
N ASP A 254 9.10 -21.54 -0.67
CA ASP A 254 9.21 -22.96 -0.97
C ASP A 254 7.98 -23.74 -0.47
N PRO A 255 7.20 -24.32 -1.40
CA PRO A 255 6.01 -25.10 -1.08
C PRO A 255 6.32 -26.35 -0.24
N ASN A 256 7.56 -26.84 -0.32
CA ASN A 256 8.02 -27.97 0.50
C ASN A 256 8.37 -27.51 1.93
N GLY A 257 8.52 -26.19 2.08
CA GLY A 257 8.71 -25.60 3.40
C GLY A 257 7.39 -25.10 3.94
N ILE A 258 7.31 -23.79 4.20
CA ILE A 258 6.08 -23.17 4.67
C ILE A 258 5.35 -22.37 3.58
N GLY A 259 5.80 -22.50 2.33
CA GLY A 259 5.19 -21.82 1.19
C GLY A 259 3.68 -21.89 1.18
N LEU A 260 3.14 -23.06 1.48
CA LEU A 260 1.70 -23.29 1.40
C LEU A 260 0.91 -22.78 2.61
N HIS A 261 1.63 -22.31 3.62
CA HIS A 261 1.00 -21.74 4.82
C HIS A 261 0.58 -20.30 4.59
N TYR A 262 -0.38 -19.85 5.38
CA TYR A 262 -0.74 -18.43 5.50
C TYR A 262 -0.06 -17.87 6.74
N PRO A 263 0.47 -16.63 6.63
CA PRO A 263 1.18 -16.06 7.78
C PRO A 263 0.24 -15.81 8.97
N SER A 264 0.82 -15.59 10.14
CA SER A 264 0.05 -15.50 11.38
C SER A 264 -0.93 -14.33 11.39
N MSE A 265 -0.60 -13.24 10.72
CA MSE A 265 -1.52 -12.11 10.69
C MSE A 265 -2.77 -12.43 9.85
O MSE A 265 -3.87 -11.95 10.16
CB MSE A 265 -0.83 -10.85 10.18
CG MSE A 265 -1.71 -9.64 10.20
SE MSE A 265 -0.76 -8.01 9.64
CE MSE A 265 0.68 -7.96 11.04
N TYR A 266 -2.59 -13.23 8.81
CA TYR A 266 -3.70 -13.69 7.98
C TYR A 266 -4.65 -14.51 8.86
N GLN A 267 -4.06 -15.41 9.65
CA GLN A 267 -4.81 -16.29 10.54
C GLN A 267 -5.64 -15.49 11.56
N ASP A 268 -5.02 -14.50 12.20
CA ASP A 268 -5.73 -13.60 13.11
C ASP A 268 -6.90 -12.90 12.42
N LEU A 269 -6.62 -12.19 11.34
CA LEU A 269 -7.64 -11.31 10.77
C LEU A 269 -8.58 -12.00 9.80
N ILE A 270 -8.02 -12.62 8.76
CA ILE A 270 -8.85 -13.18 7.68
C ILE A 270 -9.61 -14.43 8.15
N LYS A 271 -8.91 -15.35 8.82
CA LYS A 271 -9.56 -16.56 9.36
C LYS A 271 -10.38 -16.34 10.65
N ASN A 272 -9.82 -15.63 11.63
CA ASN A 272 -10.45 -15.54 12.94
C ASN A 272 -11.08 -14.19 13.31
N HIS A 273 -11.00 -13.20 12.42
CA HIS A 273 -11.56 -11.85 12.66
C HIS A 273 -11.07 -11.20 13.96
N ARG A 274 -9.81 -11.42 14.29
N ARG A 274 -9.80 -11.44 14.27
CA ARG A 274 -9.20 -10.79 15.45
CA ARG A 274 -9.13 -10.84 15.42
C ARG A 274 -8.21 -9.72 15.03
C ARG A 274 -8.31 -9.63 14.95
N LEU A 275 -8.09 -8.69 15.87
CA LEU A 275 -7.17 -7.57 15.65
C LEU A 275 -5.75 -8.11 15.50
N THR A 276 -4.98 -7.46 14.63
CA THR A 276 -3.61 -7.90 14.31
C THR A 276 -2.59 -7.24 15.23
N GLU A 277 -1.35 -7.70 15.08
CA GLU A 277 -0.16 -7.15 15.76
C GLU A 277 0.53 -5.98 14.97
N ILE A 278 -0.17 -5.38 14.01
CA ILE A 278 0.45 -4.46 13.03
C ILE A 278 1.06 -3.20 13.65
N ASP A 279 0.43 -2.68 14.71
CA ASP A 279 0.95 -1.54 15.47
C ASP A 279 2.32 -1.76 16.08
N TYR A 280 2.73 -3.03 16.22
CA TYR A 280 4.02 -3.33 16.86
C TYR A 280 5.01 -3.88 15.86
N ILE A 281 4.68 -3.76 14.56
CA ILE A 281 5.54 -4.22 13.48
C ILE A 281 5.67 -3.05 12.50
N ASN A 282 4.90 -3.00 11.42
CA ASN A 282 4.98 -1.84 10.51
C ASN A 282 4.60 -0.53 11.20
N GLY A 283 3.63 -0.61 12.11
CA GLY A 283 3.15 0.57 12.86
C GLY A 283 4.26 1.15 13.71
N ALA A 284 5.12 0.28 14.23
CA ALA A 284 6.25 0.70 15.08
C ALA A 284 7.34 1.37 14.23
N VAL A 285 7.66 0.79 13.08
CA VAL A 285 8.60 1.41 12.16
C VAL A 285 8.10 2.79 11.74
N TRP A 286 6.80 2.90 11.47
CA TRP A 286 6.18 4.19 11.09
C TRP A 286 6.30 5.23 12.21
N ARG A 287 5.89 4.85 13.42
CA ARG A 287 6.03 5.69 14.60
C ARG A 287 7.48 6.17 14.78
N LYS A 288 8.44 5.25 14.67
CA LYS A 288 9.86 5.61 14.81
C LYS A 288 10.33 6.53 13.68
N GLY A 289 9.95 6.20 12.44
CA GLY A 289 10.23 7.07 11.29
C GLY A 289 9.75 8.49 11.51
N GLN A 290 8.55 8.65 12.07
CA GLN A 290 8.04 10.00 12.36
C GLN A 290 8.88 10.78 13.39
N LYS A 291 9.37 10.08 14.42
N LYS A 291 9.37 10.11 14.42
CA LYS A 291 10.22 10.71 15.44
CA LYS A 291 10.21 10.81 15.40
C LYS A 291 11.65 10.99 14.96
C LYS A 291 11.70 10.94 15.02
N TYR A 292 12.12 10.18 14.01
CA TYR A 292 13.50 10.27 13.49
C TYR A 292 13.58 11.03 12.15
N ASN A 293 12.44 11.50 11.65
CA ASN A 293 12.39 12.20 10.35
C ASN A 293 12.85 11.28 9.20
N VAL A 294 12.50 10.00 9.29
CA VAL A 294 12.76 9.04 8.25
C VAL A 294 11.42 8.68 7.59
N ALA A 295 11.37 8.78 6.26
CA ALA A 295 10.16 8.43 5.51
C ALA A 295 9.94 6.91 5.53
N THR A 296 8.73 6.48 5.88
CA THR A 296 8.41 5.06 5.88
C THR A 296 7.02 4.89 5.26
N PRO A 297 6.85 5.32 3.99
CA PRO A 297 5.50 5.37 3.42
C PRO A 297 4.87 3.99 3.19
N PHE A 298 5.66 2.99 2.80
CA PHE A 298 5.04 1.68 2.56
C PHE A 298 4.53 1.09 3.87
N CYS A 299 5.29 1.30 4.97
CA CYS A 299 4.85 0.87 6.31
C CYS A 299 3.62 1.64 6.73
N ALA A 300 3.60 2.95 6.45
CA ALA A 300 2.47 3.81 6.79
C ALA A 300 1.21 3.32 6.09
N MSE A 301 1.30 3.10 4.79
CA MSE A 301 0.11 2.72 4.03
C MSE A 301 -0.36 1.31 4.38
O MSE A 301 -1.55 1.08 4.50
CB MSE A 301 0.36 2.83 2.53
CG MSE A 301 -0.83 2.28 1.71
SE MSE A 301 -0.59 2.59 -0.23
CE MSE A 301 -1.04 1.04 -0.81
N LEU A 302 0.57 0.38 4.52
CA LEU A 302 0.23 -0.99 4.90
C LEU A 302 -0.44 -1.05 6.28
N THR A 303 0.06 -0.26 7.22
CA THR A 303 -0.56 -0.15 8.53
C THR A 303 -2.00 0.35 8.44
N GLN A 304 -2.19 1.43 7.67
CA GLN A 304 -3.53 2.01 7.44
C GLN A 304 -4.47 1.03 6.74
N LEU A 305 -3.98 0.35 5.71
CA LEU A 305 -4.80 -0.66 5.01
C LEU A 305 -5.24 -1.82 5.94
N VAL A 306 -4.32 -2.31 6.76
CA VAL A 306 -4.64 -3.39 7.73
C VAL A 306 -5.65 -2.89 8.77
N HIS A 307 -5.45 -1.68 9.32
CA HIS A 307 -6.46 -1.08 10.20
C HIS A 307 -7.81 -0.87 9.50
N GLY A 308 -7.81 -0.48 8.23
CA GLY A 308 -9.03 -0.39 7.42
C GLY A 308 -9.70 -1.76 7.30
N LYS A 309 -8.90 -2.79 6.98
CA LYS A 309 -9.40 -4.15 6.86
C LYS A 309 -10.00 -4.72 8.18
N GLU A 310 -9.33 -4.45 9.30
CA GLU A 310 -9.81 -4.82 10.63
C GLU A 310 -11.21 -4.26 10.88
N GLU A 311 -11.38 -2.97 10.59
CA GLU A 311 -12.65 -2.31 10.78
C GLU A 311 -13.72 -2.85 9.83
N LEU A 312 -13.33 -3.13 8.58
CA LEU A 312 -14.27 -3.70 7.61
C LEU A 312 -14.79 -5.07 8.05
N LEU A 313 -13.92 -5.88 8.63
CA LEU A 313 -14.29 -7.24 9.06
C LEU A 313 -14.82 -7.28 10.49
N GLY A 314 -15.00 -6.12 11.12
CA GLY A 314 -15.41 -6.03 12.51
C GLY A 314 -14.51 -6.81 13.45
N ALA A 315 -13.20 -6.70 13.24
CA ALA A 315 -12.22 -7.43 14.04
C ALA A 315 -12.24 -7.00 15.50
N LYS A 316 -12.03 -7.98 16.38
CA LYS A 316 -11.97 -7.74 17.81
C LYS A 316 -10.75 -8.43 18.37
N ALA B 3 -7.97 23.58 -45.80
CA ALA B 3 -8.06 22.10 -45.78
C ALA B 3 -6.87 21.49 -45.05
N MSE B 4 -7.12 21.05 -43.83
CA MSE B 4 -6.13 20.41 -43.03
C MSE B 4 -6.02 18.94 -43.44
O MSE B 4 -7.02 18.34 -43.82
CB MSE B 4 -6.51 20.55 -41.57
CG MSE B 4 -5.40 20.40 -40.61
SE MSE B 4 -6.05 20.90 -38.88
CE MSE B 4 -5.54 22.81 -38.85
N LYS B 5 -4.81 18.40 -43.43
CA LYS B 5 -4.61 16.96 -43.58
C LYS B 5 -4.66 16.34 -42.18
N ILE B 6 -5.64 15.47 -41.96
CA ILE B 6 -5.90 14.91 -40.61
C ILE B 6 -5.95 13.39 -40.63
N ALA B 7 -5.17 12.77 -39.76
CA ALA B 7 -5.19 11.33 -39.55
C ALA B 7 -5.95 11.05 -38.25
N ILE B 8 -6.82 10.04 -38.31
CA ILE B 8 -7.58 9.61 -37.15
C ILE B 8 -6.95 8.32 -36.64
N ALA B 9 -6.28 8.37 -35.50
CA ALA B 9 -5.59 7.19 -34.96
C ALA B 9 -6.53 6.46 -34.00
N GLY B 10 -7.19 5.45 -34.54
CA GLY B 10 -8.25 4.71 -33.84
C GLY B 10 -9.59 5.10 -34.45
N ALA B 11 -10.03 4.33 -35.45
CA ALA B 11 -11.23 4.62 -36.21
C ALA B 11 -12.49 3.88 -35.71
N GLY B 12 -12.63 3.78 -34.40
CA GLY B 12 -13.83 3.20 -33.78
C GLY B 12 -15.00 4.14 -33.98
N ALA B 13 -16.07 3.96 -33.21
CA ALA B 13 -17.25 4.79 -33.36
C ALA B 13 -16.95 6.30 -33.28
N MSE B 14 -16.23 6.72 -32.24
CA MSE B 14 -15.91 8.15 -32.04
C MSE B 14 -15.00 8.70 -33.13
O MSE B 14 -15.24 9.78 -33.67
CB MSE B 14 -15.27 8.39 -30.66
CG MSE B 14 -14.99 9.88 -30.37
SE MSE B 14 -16.67 10.96 -30.36
CE MSE B 14 -17.45 10.00 -28.86
N GLY B 15 -13.93 7.98 -33.45
CA GLY B 15 -13.02 8.39 -34.52
C GLY B 15 -13.74 8.50 -35.86
N SER B 16 -14.66 7.55 -36.10
CA SER B 16 -15.50 7.56 -37.28
C SER B 16 -16.41 8.78 -37.33
N ARG B 17 -16.97 9.18 -36.20
CA ARG B 17 -17.75 10.44 -36.15
C ARG B 17 -16.90 11.62 -36.55
N LEU B 18 -15.74 11.78 -35.91
CA LEU B 18 -14.85 12.88 -36.22
C LEU B 18 -14.41 12.82 -37.69
N GLY B 19 -14.10 11.63 -38.17
CA GLY B 19 -13.67 11.46 -39.56
C GLY B 19 -14.70 11.92 -40.58
N ILE B 20 -15.92 11.42 -40.46
CA ILE B 20 -17.04 11.80 -41.33
C ILE B 20 -17.28 13.32 -41.34
N MSE B 21 -17.39 13.90 -40.15
CA MSE B 21 -17.71 15.30 -39.99
C MSE B 21 -16.60 16.21 -40.50
O MSE B 21 -16.88 17.22 -41.15
CB MSE B 21 -18.04 15.59 -38.52
CG MSE B 21 -19.28 14.84 -38.01
SE MSE B 21 -19.77 15.33 -36.17
CE MSE B 21 -20.41 17.12 -36.47
N LEU B 22 -15.34 15.86 -40.24
CA LEU B 22 -14.21 16.61 -40.78
C LEU B 22 -14.09 16.46 -42.30
N HIS B 23 -14.50 15.30 -42.81
CA HIS B 23 -14.56 15.06 -44.25
C HIS B 23 -15.63 15.94 -44.88
N GLN B 24 -16.78 16.05 -44.23
CA GLN B 24 -17.87 16.87 -44.72
C GLN B 24 -17.48 18.34 -44.70
N GLY B 25 -16.64 18.73 -43.74
CA GLY B 25 -16.13 20.09 -43.68
C GLY B 25 -15.05 20.38 -44.70
N GLY B 26 -14.74 19.43 -45.58
CA GLY B 26 -13.78 19.65 -46.64
C GLY B 26 -12.32 19.38 -46.31
N ASN B 27 -12.06 18.61 -45.25
CA ASN B 27 -10.67 18.31 -44.87
C ASN B 27 -10.24 17.02 -45.52
N ASP B 28 -8.94 16.80 -45.54
CA ASP B 28 -8.33 15.60 -46.11
C ASP B 28 -8.09 14.58 -44.99
N VAL B 29 -9.03 13.64 -44.86
CA VAL B 29 -9.05 12.70 -43.72
C VAL B 29 -8.57 11.31 -44.10
N THR B 30 -7.70 10.75 -43.26
CA THR B 30 -7.25 9.37 -43.36
C THR B 30 -7.52 8.64 -42.05
N LEU B 31 -8.04 7.42 -42.14
CA LEU B 31 -8.34 6.61 -40.97
C LEU B 31 -7.25 5.57 -40.73
N ILE B 32 -6.85 5.39 -39.48
CA ILE B 32 -5.91 4.35 -39.12
C ILE B 32 -6.55 3.48 -38.03
N ASP B 33 -6.58 2.18 -38.28
CA ASP B 33 -7.31 1.26 -37.37
C ASP B 33 -6.73 -0.14 -37.42
N GLN B 34 -6.86 -0.84 -36.30
CA GLN B 34 -6.27 -2.16 -36.11
C GLN B 34 -7.23 -3.33 -36.39
N TRP B 35 -8.49 -3.00 -36.73
CA TRP B 35 -9.54 -4.02 -36.88
C TRP B 35 -9.74 -4.40 -38.35
N PRO B 36 -9.27 -5.60 -38.75
CA PRO B 36 -9.28 -5.98 -40.16
C PRO B 36 -10.65 -5.90 -40.84
N ALA B 37 -11.70 -6.39 -40.19
CA ALA B 37 -13.07 -6.36 -40.75
C ALA B 37 -13.55 -4.95 -41.05
N HIS B 38 -13.17 -4.02 -40.17
CA HIS B 38 -13.51 -2.60 -40.27
C HIS B 38 -12.79 -1.98 -41.48
N ILE B 39 -11.51 -2.30 -41.64
CA ILE B 39 -10.73 -1.85 -42.79
C ILE B 39 -11.34 -2.37 -44.10
N GLU B 40 -11.71 -3.65 -44.12
CA GLU B 40 -12.28 -4.30 -45.31
C GLU B 40 -13.62 -3.71 -45.72
N ALA B 41 -14.50 -3.49 -44.74
CA ALA B 41 -15.83 -2.92 -44.99
C ALA B 41 -15.71 -1.48 -45.53
N ILE B 42 -14.85 -0.70 -44.89
CA ILE B 42 -14.66 0.70 -45.32
C ILE B 42 -14.06 0.79 -46.74
N ARG B 43 -13.11 -0.08 -47.06
CA ARG B 43 -12.51 -0.13 -48.40
C ARG B 43 -13.49 -0.56 -49.49
N LYS B 44 -14.38 -1.50 -49.17
N LYS B 44 -14.41 -1.45 -49.15
CA LYS B 44 -15.43 -1.93 -50.09
CA LYS B 44 -15.41 -1.95 -50.09
C LYS B 44 -16.46 -0.83 -50.29
C LYS B 44 -16.60 -1.01 -50.28
N ASN B 45 -17.11 -0.46 -49.19
CA ASN B 45 -18.33 0.37 -49.24
C ASN B 45 -18.21 1.80 -48.72
N GLY B 46 -17.00 2.22 -48.36
CA GLY B 46 -16.82 3.51 -47.68
C GLY B 46 -17.26 3.34 -46.23
N LEU B 47 -17.05 4.38 -45.42
CA LEU B 47 -17.53 4.40 -44.05
C LEU B 47 -18.97 4.87 -44.05
N ILE B 48 -19.86 4.04 -43.50
CA ILE B 48 -21.29 4.29 -43.55
C ILE B 48 -21.79 4.69 -42.18
N ALA B 49 -22.44 5.86 -42.14
CA ALA B 49 -23.04 6.35 -40.91
C ALA B 49 -24.55 6.50 -41.05
N ASP B 50 -25.26 6.05 -40.01
CA ASP B 50 -26.62 6.45 -39.79
C ASP B 50 -26.53 7.71 -38.94
N PHE B 51 -26.55 8.85 -39.63
CA PHE B 51 -26.21 10.13 -39.05
C PHE B 51 -27.50 10.92 -38.83
N ASN B 52 -27.99 10.93 -37.59
CA ASN B 52 -29.26 11.59 -37.25
C ASN B 52 -30.41 11.17 -38.19
N GLY B 53 -30.57 9.86 -38.37
CA GLY B 53 -31.63 9.31 -39.23
C GLY B 53 -31.36 9.28 -40.72
N GLU B 54 -30.27 9.90 -41.17
CA GLU B 54 -29.92 9.92 -42.60
C GLU B 54 -28.66 9.11 -42.83
N GLU B 55 -28.67 8.31 -43.89
CA GLU B 55 -27.47 7.58 -44.28
C GLU B 55 -26.45 8.52 -44.95
N VAL B 56 -25.25 8.54 -44.39
CA VAL B 56 -24.13 9.28 -44.94
C VAL B 56 -23.03 8.26 -45.21
N VAL B 57 -22.43 8.34 -46.41
CA VAL B 57 -21.31 7.46 -46.78
C VAL B 57 -20.09 8.34 -47.06
N ALA B 58 -18.93 7.96 -46.54
CA ALA B 58 -17.71 8.72 -46.75
C ALA B 58 -16.64 7.77 -47.24
N ASN B 59 -16.16 7.98 -48.45
CA ASN B 59 -15.14 7.12 -49.00
C ASN B 59 -13.77 7.60 -48.53
N LEU B 60 -13.34 7.11 -47.38
CA LEU B 60 -12.12 7.60 -46.76
C LEU B 60 -11.05 6.54 -46.91
N PRO B 61 -9.81 6.97 -47.12
CA PRO B 61 -8.69 6.03 -47.07
C PRO B 61 -8.52 5.49 -45.66
N ILE B 62 -8.16 4.22 -45.56
CA ILE B 62 -7.98 3.58 -44.26
C ILE B 62 -6.83 2.59 -44.33
N PHE B 63 -6.00 2.60 -43.30
CA PHE B 63 -4.83 1.74 -43.26
C PHE B 63 -4.72 1.09 -41.90
N SER B 64 -4.12 -0.10 -41.82
CA SER B 64 -3.73 -0.65 -40.54
C SER B 64 -2.40 -0.01 -40.16
N PRO B 65 -2.07 0.03 -38.85
CA PRO B 65 -0.80 0.63 -38.45
C PRO B 65 0.42 -0.02 -39.13
N GLU B 66 0.41 -1.33 -39.31
CA GLU B 66 1.57 -2.04 -39.86
C GLU B 66 1.83 -1.74 -41.34
N GLU B 67 0.80 -1.25 -42.04
CA GLU B 67 0.89 -0.89 -43.46
C GLU B 67 1.55 0.47 -43.72
N ILE B 68 1.58 1.31 -42.69
CA ILE B 68 2.02 2.70 -42.85
C ILE B 68 3.53 2.78 -43.14
N ASP B 69 3.89 3.52 -44.17
CA ASP B 69 5.29 3.76 -44.47
C ASP B 69 5.49 5.15 -45.05
N HIS B 70 6.70 5.43 -45.51
CA HIS B 70 7.03 6.76 -46.00
C HIS B 70 6.43 7.10 -47.36
N GLN B 71 5.64 6.18 -47.92
CA GLN B 71 4.82 6.52 -49.08
C GLN B 71 3.44 7.06 -48.67
N ASN B 72 3.11 6.97 -47.38
CA ASN B 72 1.90 7.59 -46.87
C ASN B 72 2.02 9.09 -46.77
N GLU B 73 0.88 9.77 -46.78
CA GLU B 73 0.82 11.22 -46.71
C GLU B 73 1.31 11.69 -45.35
N GLN B 74 1.99 12.84 -45.33
CA GLN B 74 2.36 13.48 -44.06
C GLN B 74 1.24 14.44 -43.71
N VAL B 75 0.85 14.47 -42.43
CA VAL B 75 -0.37 15.18 -42.06
C VAL B 75 -0.09 16.34 -41.10
N ASP B 76 -1.05 17.26 -41.04
CA ASP B 76 -0.97 18.40 -40.14
C ASP B 76 -1.38 18.03 -38.70
N LEU B 77 -2.36 17.12 -38.59
CA LEU B 77 -2.98 16.82 -37.29
C LEU B 77 -3.25 15.35 -37.19
N ILE B 78 -2.92 14.77 -36.04
CA ILE B 78 -3.35 13.42 -35.73
C ILE B 78 -4.28 13.54 -34.52
N ILE B 79 -5.45 12.89 -34.62
CA ILE B 79 -6.38 12.81 -33.51
C ILE B 79 -6.24 11.42 -32.90
N ALA B 80 -5.82 11.38 -31.65
CA ALA B 80 -5.56 10.13 -30.94
C ALA B 80 -6.80 9.65 -30.17
N LEU B 81 -7.32 8.48 -30.57
CA LEU B 81 -8.42 7.82 -29.87
C LEU B 81 -8.15 6.35 -29.52
N THR B 82 -6.98 5.85 -29.92
CA THR B 82 -6.53 4.49 -29.58
C THR B 82 -6.42 4.34 -28.06
N LYS B 83 -6.95 3.27 -27.49
CA LYS B 83 -6.85 3.12 -26.03
C LYS B 83 -5.40 3.09 -25.58
N ALA B 84 -5.19 3.43 -24.31
CA ALA B 84 -3.85 3.69 -23.78
C ALA B 84 -2.90 2.51 -23.95
N GLN B 85 -3.46 1.31 -23.86
CA GLN B 85 -2.70 0.05 -23.94
C GLN B 85 -2.08 -0.16 -25.33
N GLN B 86 -2.63 0.50 -26.35
CA GLN B 86 -2.14 0.36 -27.72
C GLN B 86 -1.58 1.66 -28.32
N LEU B 87 -1.61 2.73 -27.54
CA LEU B 87 -1.20 4.05 -28.00
C LEU B 87 0.26 4.09 -28.44
N ASP B 88 1.14 3.49 -27.66
CA ASP B 88 2.55 3.56 -28.00
C ASP B 88 2.83 2.85 -29.32
N ALA B 89 2.30 1.65 -29.48
CA ALA B 89 2.50 0.88 -30.72
C ALA B 89 1.85 1.55 -31.92
N MSE B 90 0.69 2.17 -31.71
CA MSE B 90 0.03 2.95 -32.75
C MSE B 90 0.88 4.13 -33.22
O MSE B 90 1.03 4.37 -34.42
CB MSE B 90 -1.35 3.43 -32.27
CG MSE B 90 -1.97 4.54 -33.13
SE MSE B 90 -2.54 3.91 -34.92
CE MSE B 90 -4.17 2.83 -34.41
N PHE B 91 1.44 4.89 -32.28
CA PHE B 91 2.21 6.06 -32.68
C PHE B 91 3.57 5.72 -33.29
N LYS B 92 4.19 4.66 -32.79
CA LYS B 92 5.40 4.16 -33.41
C LYS B 92 5.14 3.81 -34.88
N ALA B 93 4.03 3.13 -35.15
CA ALA B 93 3.67 2.73 -36.51
C ALA B 93 3.34 3.89 -37.46
N ILE B 94 2.75 4.97 -36.94
CA ILE B 94 2.34 6.07 -37.81
C ILE B 94 3.34 7.20 -37.92
N GLN B 95 4.49 7.07 -37.23
CA GLN B 95 5.63 7.97 -37.42
C GLN B 95 5.91 8.44 -38.85
N PRO B 96 5.87 7.54 -39.86
CA PRO B 96 6.09 8.05 -41.23
C PRO B 96 5.17 9.21 -41.65
N MSE B 97 4.04 9.40 -40.95
CA MSE B 97 3.10 10.45 -41.31
C MSE B 97 3.34 11.74 -40.53
O MSE B 97 2.66 12.74 -40.76
CB MSE B 97 1.65 9.98 -41.12
CG MSE B 97 1.33 8.76 -41.95
SE MSE B 97 -0.51 8.12 -41.60
CE MSE B 97 -1.48 9.33 -42.82
N ILE B 98 4.31 11.69 -39.63
CA ILE B 98 4.61 12.81 -38.75
C ILE B 98 5.82 13.59 -39.27
N THR B 99 5.70 14.91 -39.32
CA THR B 99 6.85 15.80 -39.51
C THR B 99 6.98 16.68 -38.27
N GLU B 100 7.98 17.57 -38.28
CA GLU B 100 8.19 18.58 -37.26
C GLU B 100 6.98 19.49 -37.10
N LYS B 101 6.16 19.60 -38.14
CA LYS B 101 4.97 20.48 -38.10
C LYS B 101 3.67 19.75 -37.70
N THR B 102 3.75 18.45 -37.45
CA THR B 102 2.57 17.66 -37.09
C THR B 102 2.17 17.87 -35.62
N TYR B 103 0.87 18.12 -35.39
CA TYR B 103 0.32 18.22 -34.05
C TYR B 103 -0.51 17.00 -33.75
N VAL B 104 -0.65 16.66 -32.48
CA VAL B 104 -1.57 15.59 -32.07
C VAL B 104 -2.58 16.16 -31.05
N LEU B 105 -3.84 15.79 -31.23
CA LEU B 105 -4.89 16.10 -30.27
C LEU B 105 -5.26 14.79 -29.59
N CYS B 106 -4.91 14.69 -28.32
CA CYS B 106 -5.16 13.46 -27.57
C CYS B 106 -6.54 13.54 -26.95
N LEU B 107 -7.41 12.60 -27.32
CA LEU B 107 -8.77 12.56 -26.79
C LEU B 107 -9.01 11.42 -25.80
N LEU B 108 -7.96 10.73 -25.40
CA LEU B 108 -8.07 9.59 -24.49
C LEU B 108 -8.51 9.99 -23.10
N ASN B 109 -9.24 9.10 -22.44
CA ASN B 109 -9.45 9.22 -21.01
C ASN B 109 -8.15 8.97 -20.27
N GLY B 110 -8.00 9.65 -19.15
CA GLY B 110 -6.91 9.36 -18.25
C GLY B 110 -5.72 10.27 -18.43
N LEU B 111 -4.69 9.96 -17.65
CA LEU B 111 -3.61 10.85 -17.34
C LEU B 111 -2.29 10.44 -18.00
N GLY B 112 -1.52 11.42 -18.46
CA GLY B 112 -0.11 11.19 -18.83
C GLY B 112 0.23 10.70 -20.23
N HIS B 113 -0.74 10.70 -21.13
CA HIS B 113 -0.53 10.18 -22.48
C HIS B 113 0.45 10.99 -23.30
N GLU B 114 0.57 12.27 -22.97
CA GLU B 114 1.60 13.14 -23.56
C GLU B 114 3.01 12.55 -23.44
N ASP B 115 3.25 11.74 -22.41
CA ASP B 115 4.58 11.18 -22.21
C ASP B 115 4.89 10.09 -23.24
N VAL B 116 3.87 9.39 -23.70
CA VAL B 116 4.06 8.45 -24.80
C VAL B 116 4.15 9.22 -26.12
N LEU B 117 3.23 10.16 -26.32
CA LEU B 117 3.10 10.90 -27.57
C LEU B 117 4.37 11.68 -27.89
N GLU B 118 5.01 12.25 -26.87
CA GLU B 118 6.19 13.10 -27.07
C GLU B 118 7.41 12.32 -27.61
N LYS B 119 7.36 10.99 -27.56
CA LYS B 119 8.36 10.16 -28.20
C LYS B 119 8.29 10.25 -29.72
N TYR B 120 7.11 10.61 -30.24
CA TYR B 120 6.81 10.49 -31.66
C TYR B 120 6.45 11.83 -32.31
N VAL B 121 5.92 12.74 -31.50
CA VAL B 121 5.47 14.06 -31.95
C VAL B 121 6.23 15.05 -31.09
N PRO B 122 6.69 16.18 -31.68
CA PRO B 122 7.38 17.15 -30.85
C PRO B 122 6.51 17.58 -29.66
N LYS B 123 7.10 17.68 -28.46
N LYS B 123 7.13 17.68 -28.49
CA LYS B 123 6.34 17.98 -27.24
CA LYS B 123 6.44 18.02 -27.23
C LYS B 123 5.56 19.30 -27.33
C LYS B 123 5.62 19.30 -27.29
N GLU B 124 6.07 20.24 -28.13
CA GLU B 124 5.44 21.56 -28.29
C GLU B 124 4.12 21.50 -29.07
N ASN B 125 3.93 20.38 -29.77
CA ASN B 125 2.82 20.20 -30.72
C ASN B 125 1.74 19.28 -30.17
N ILE B 126 1.71 19.08 -28.86
CA ILE B 126 0.71 18.21 -28.28
C ILE B 126 -0.45 19.01 -27.68
N LEU B 127 -1.65 18.66 -28.12
CA LEU B 127 -2.90 19.24 -27.60
C LEU B 127 -3.67 18.16 -26.86
N VAL B 128 -4.46 18.56 -25.86
CA VAL B 128 -5.29 17.59 -25.15
C VAL B 128 -6.74 18.04 -25.26
N GLY B 129 -7.66 17.10 -25.38
CA GLY B 129 -9.05 17.51 -25.37
C GLY B 129 -9.99 16.52 -24.75
N ILE B 130 -11.24 16.95 -24.61
CA ILE B 130 -12.28 16.12 -24.06
C ILE B 130 -13.41 16.18 -25.08
N THR B 131 -13.90 15.03 -25.50
CA THR B 131 -15.04 14.99 -26.39
C THR B 131 -16.31 14.60 -25.64
N MSE B 132 -17.36 15.39 -25.81
N MSE B 132 -17.37 15.39 -25.78
CA MSE B 132 -18.65 15.13 -25.17
CA MSE B 132 -18.64 15.06 -25.15
C MSE B 132 -19.65 14.50 -26.15
C MSE B 132 -19.66 14.51 -26.16
O MSE B 132 -20.80 14.23 -25.78
O MSE B 132 -20.83 14.29 -25.81
CB MSE B 132 -19.23 16.42 -24.55
CB MSE B 132 -19.21 16.27 -24.38
CG MSE B 132 -18.47 16.97 -23.33
CG MSE B 132 -18.41 16.67 -23.13
SE MSE B 132 -16.78 17.87 -23.77
SE MSE B 132 -18.09 15.19 -21.88
CE MSE B 132 -16.49 18.82 -22.06
CE MSE B 132 -17.30 16.20 -20.37
N TRP B 133 -19.22 14.29 -27.39
CA TRP B 133 -20.07 13.65 -28.42
C TRP B 133 -20.28 12.18 -28.07
N THR B 134 -21.31 11.57 -28.66
CA THR B 134 -21.52 10.12 -28.53
C THR B 134 -21.40 9.50 -29.93
N ALA B 135 -21.08 8.21 -29.98
CA ALA B 135 -21.04 7.47 -31.23
C ALA B 135 -21.23 5.98 -30.95
N GLY B 136 -21.93 5.28 -31.85
CA GLY B 136 -22.10 3.83 -31.68
C GLY B 136 -21.55 3.06 -32.85
N LEU B 137 -21.05 1.86 -32.60
CA LEU B 137 -20.67 0.96 -33.67
C LEU B 137 -21.78 -0.08 -33.94
N GLU B 138 -22.32 -0.09 -35.16
CA GLU B 138 -23.34 -1.08 -35.54
C GLU B 138 -22.74 -2.37 -36.12
N GLY B 139 -21.64 -2.21 -36.86
CA GLY B 139 -20.94 -3.34 -37.46
C GLY B 139 -19.66 -2.82 -38.07
N PRO B 140 -18.79 -3.72 -38.60
CA PRO B 140 -17.58 -3.21 -39.28
C PRO B 140 -17.97 -2.19 -40.35
N GLY B 141 -17.32 -1.03 -40.33
CA GLY B 141 -17.58 0.03 -41.30
C GLY B 141 -18.92 0.73 -41.21
N ARG B 142 -19.64 0.51 -40.10
CA ARG B 142 -20.99 1.03 -39.95
C ARG B 142 -21.21 1.59 -38.54
N VAL B 143 -21.48 2.88 -38.49
CA VAL B 143 -21.66 3.60 -37.23
C VAL B 143 -23.00 4.31 -37.15
N LYS B 144 -23.44 4.56 -35.92
CA LYS B 144 -24.68 5.25 -35.67
C LYS B 144 -24.40 6.47 -34.83
N LEU B 145 -24.83 7.62 -35.33
CA LEU B 145 -24.49 8.90 -34.75
C LEU B 145 -25.78 9.63 -34.43
N LEU B 146 -25.99 9.91 -33.15
CA LEU B 146 -27.19 10.62 -32.69
C LEU B 146 -26.76 11.70 -31.73
N GLY B 147 -27.64 12.66 -31.49
CA GLY B 147 -27.44 13.63 -30.44
C GLY B 147 -26.46 14.75 -30.75
N ASP B 148 -26.15 15.53 -29.71
N ASP B 148 -26.17 15.55 -29.72
CA ASP B 148 -25.29 16.68 -29.81
CA ASP B 148 -25.31 16.72 -29.82
C ASP B 148 -23.97 16.39 -29.09
C ASP B 148 -24.08 16.50 -28.93
N GLY B 149 -23.11 17.40 -29.02
CA GLY B 149 -21.89 17.29 -28.23
C GLY B 149 -21.01 18.50 -28.44
N GLU B 150 -19.79 18.40 -27.94
CA GLU B 150 -18.80 19.45 -28.04
C GLU B 150 -17.43 18.83 -27.81
N ILE B 151 -16.38 19.57 -28.15
CA ILE B 151 -15.02 19.17 -27.84
C ILE B 151 -14.36 20.38 -27.22
N GLU B 152 -13.77 20.20 -26.04
CA GLU B 152 -12.94 21.23 -25.42
C GLU B 152 -11.48 20.79 -25.63
N LEU B 153 -10.60 21.73 -25.98
CA LEU B 153 -9.19 21.38 -26.18
C LEU B 153 -8.25 22.46 -25.67
N GLU B 154 -7.00 22.07 -25.45
CA GLU B 154 -6.00 22.96 -24.87
C GLU B 154 -4.64 22.48 -25.35
N ASN B 155 -3.78 23.40 -25.77
CA ASN B 155 -2.36 23.10 -26.01
C ASN B 155 -1.66 22.88 -24.67
N ILE B 156 -0.77 21.89 -24.63
CA ILE B 156 -0.02 21.63 -23.42
C ILE B 156 1.14 22.59 -23.26
N ASP B 157 1.78 22.93 -24.39
CA ASP B 157 2.95 23.81 -24.43
C ASP B 157 2.51 25.20 -24.90
N PRO B 158 3.04 26.28 -24.29
CA PRO B 158 2.55 27.62 -24.67
C PRO B 158 2.74 27.98 -26.15
N SER B 159 3.72 27.37 -26.81
CA SER B 159 3.94 27.55 -28.26
C SER B 159 2.88 26.94 -29.15
N GLY B 160 2.10 26.01 -28.60
CA GLY B 160 1.03 25.36 -29.37
C GLY B 160 -0.28 26.14 -29.47
N LYS B 161 -0.32 27.34 -28.90
CA LYS B 161 -1.58 28.08 -28.78
C LYS B 161 -2.20 28.48 -30.11
N LYS B 162 -1.38 29.02 -31.01
CA LYS B 162 -1.88 29.49 -32.31
C LYS B 162 -2.49 28.34 -33.10
N PHE B 163 -1.79 27.22 -33.15
CA PHE B 163 -2.31 26.06 -33.86
C PHE B 163 -3.53 25.45 -33.20
N ALA B 164 -3.58 25.42 -31.86
CA ALA B 164 -4.79 24.99 -31.15
C ALA B 164 -6.01 25.82 -31.64
N LEU B 165 -5.82 27.13 -31.76
CA LEU B 165 -6.88 28.02 -32.22
C LEU B 165 -7.31 27.70 -33.65
N GLU B 166 -6.34 27.35 -34.48
N GLU B 166 -6.34 27.36 -34.50
CA GLU B 166 -6.57 26.92 -35.86
CA GLU B 166 -6.62 26.93 -35.87
C GLU B 166 -7.37 25.61 -35.95
C GLU B 166 -7.46 25.66 -35.88
N VAL B 167 -7.05 24.67 -35.07
CA VAL B 167 -7.82 23.43 -34.94
C VAL B 167 -9.27 23.71 -34.51
N VAL B 168 -9.47 24.58 -33.52
CA VAL B 168 -10.82 25.04 -33.12
C VAL B 168 -11.62 25.55 -34.34
N ASP B 169 -11.01 26.45 -35.11
N ASP B 169 -11.02 26.44 -35.11
CA ASP B 169 -11.62 26.97 -36.34
CA ASP B 169 -11.64 26.98 -36.32
C ASP B 169 -12.03 25.86 -37.31
C ASP B 169 -12.03 25.87 -37.32
N VAL B 170 -11.11 24.94 -37.57
CA VAL B 170 -11.39 23.77 -38.42
C VAL B 170 -12.55 22.93 -37.90
N PHE B 171 -12.52 22.60 -36.61
CA PHE B 171 -13.58 21.83 -35.95
C PHE B 171 -14.92 22.57 -35.96
N GLN B 172 -14.86 23.90 -35.90
CA GLN B 172 -16.08 24.71 -35.89
C GLN B 172 -16.85 24.56 -37.19
N LYS B 173 -16.12 24.66 -38.29
CA LYS B 173 -16.68 24.55 -39.61
C LYS B 173 -17.22 23.15 -39.89
N ALA B 174 -16.64 22.14 -39.22
CA ALA B 174 -17.07 20.76 -39.34
C ALA B 174 -18.26 20.41 -38.44
N GLY B 175 -18.74 21.37 -37.66
CA GLY B 175 -19.90 21.17 -36.80
C GLY B 175 -19.62 20.45 -35.49
N LEU B 176 -18.35 20.38 -35.10
CA LEU B 176 -17.97 19.60 -33.93
C LEU B 176 -18.18 20.35 -32.62
N ASN B 177 -18.65 21.60 -32.68
CA ASN B 177 -18.85 22.45 -31.49
C ASN B 177 -17.62 22.57 -30.56
N PRO B 178 -16.46 22.95 -31.11
CA PRO B 178 -15.24 23.05 -30.32
C PRO B 178 -15.20 24.31 -29.47
N SER B 179 -14.41 24.29 -28.41
CA SER B 179 -14.02 25.49 -27.72
C SER B 179 -12.61 25.33 -27.18
N TYR B 180 -11.88 26.44 -27.11
CA TYR B 180 -10.59 26.43 -26.45
C TYR B 180 -10.88 26.54 -24.97
N SER B 181 -10.25 25.69 -24.16
CA SER B 181 -10.45 25.77 -22.72
C SER B 181 -9.14 25.65 -21.97
N SER B 182 -8.86 26.62 -21.12
CA SER B 182 -7.70 26.55 -20.25
C SER B 182 -7.96 25.73 -18.96
N ASN B 183 -9.04 24.93 -18.94
N ASN B 183 -9.03 24.93 -19.00
CA ASN B 183 -9.29 24.07 -17.79
CA ASN B 183 -9.43 24.09 -17.87
C ASN B 183 -9.19 22.59 -18.13
C ASN B 183 -9.41 22.61 -18.22
N VAL B 184 -8.87 22.27 -19.39
CA VAL B 184 -8.84 20.87 -19.85
C VAL B 184 -7.83 20.01 -19.06
N ARG B 185 -6.58 20.49 -19.00
CA ARG B 185 -5.52 19.78 -18.28
C ARG B 185 -5.86 19.65 -16.80
N TYR B 186 -6.37 20.74 -16.20
CA TYR B 186 -6.81 20.74 -14.81
C TYR B 186 -7.91 19.70 -14.55
N SER B 187 -8.93 19.66 -15.42
CA SER B 187 -10.03 18.74 -15.20
C SER B 187 -9.58 17.28 -15.32
N ILE B 188 -8.67 17.01 -16.24
CA ILE B 188 -8.09 15.68 -16.38
C ILE B 188 -7.29 15.24 -15.13
N TRP B 189 -6.51 16.15 -14.59
CA TRP B 189 -5.75 15.90 -13.36
C TRP B 189 -6.69 15.71 -12.17
N ARG B 190 -7.69 16.58 -12.06
CA ARG B 190 -8.69 16.47 -10.98
C ARG B 190 -9.45 15.15 -11.03
N LYS B 191 -9.82 14.73 -12.25
CA LYS B 191 -10.54 13.48 -12.44
C LYS B 191 -9.66 12.27 -12.08
N ALA B 192 -8.39 12.31 -12.50
CA ALA B 192 -7.46 11.23 -12.23
C ALA B 192 -7.21 11.12 -10.72
N CYS B 193 -7.14 12.27 -10.07
CA CYS B 193 -7.01 12.35 -8.63
C CYS B 193 -8.17 11.63 -7.91
N VAL B 194 -9.41 11.95 -8.30
CA VAL B 194 -10.57 11.24 -7.78
C VAL B 194 -10.48 9.74 -8.05
N ASN B 195 -10.14 9.40 -9.30
CA ASN B 195 -10.02 8.01 -9.70
C ASN B 195 -8.75 7.32 -9.15
N GLY B 196 -7.88 8.09 -8.52
CA GLY B 196 -6.62 7.54 -7.99
C GLY B 196 -6.73 7.22 -6.52
N THR B 197 -7.95 7.36 -5.99
CA THR B 197 -8.23 7.07 -4.57
C THR B 197 -9.16 5.85 -4.39
N LEU B 198 -10.47 6.06 -4.53
CA LEU B 198 -11.47 5.02 -4.22
C LEU B 198 -11.33 3.75 -5.06
N ASN B 199 -10.99 3.93 -6.33
CA ASN B 199 -10.78 2.82 -7.26
C ASN B 199 -9.84 1.76 -6.70
N GLY B 200 -8.58 2.12 -6.47
CA GLY B 200 -7.62 1.12 -6.04
C GLY B 200 -7.91 0.70 -4.61
N LEU B 201 -8.32 1.64 -3.78
CA LEU B 201 -8.56 1.39 -2.35
C LEU B 201 -9.74 0.42 -2.10
N CYS B 202 -10.87 0.66 -2.75
CA CYS B 202 -12.04 -0.22 -2.62
C CYS B 202 -11.75 -1.57 -3.24
N THR B 203 -11.00 -1.58 -4.34
CA THR B 203 -10.56 -2.83 -4.99
C THR B 203 -9.68 -3.69 -4.07
N ILE B 204 -8.70 -3.06 -3.43
CA ILE B 204 -7.78 -3.77 -2.56
C ILE B 204 -8.42 -4.21 -1.25
N LEU B 205 -9.17 -3.31 -0.61
CA LEU B 205 -9.82 -3.63 0.64
C LEU B 205 -11.10 -4.49 0.49
N ASP B 206 -11.65 -4.54 -0.74
CA ASP B 206 -12.95 -5.18 -1.05
C ASP B 206 -14.09 -4.56 -0.26
N CYS B 207 -14.53 -3.38 -0.69
CA CYS B 207 -15.64 -2.69 -0.03
C CYS B 207 -16.24 -1.63 -0.98
N ASN B 208 -17.43 -1.12 -0.62
CA ASN B 208 -18.03 -0.07 -1.43
C ASN B 208 -17.60 1.30 -0.93
N ILE B 209 -18.08 2.35 -1.60
CA ILE B 209 -17.60 3.71 -1.38
C ILE B 209 -17.87 4.26 0.04
N ALA B 210 -19.12 4.14 0.47
CA ALA B 210 -19.51 4.55 1.83
C ALA B 210 -18.80 3.73 2.90
N GLU B 211 -18.65 2.43 2.69
CA GLU B 211 -17.95 1.55 3.62
C GLU B 211 -16.52 2.03 3.77
N PHE B 212 -15.87 2.30 2.64
CA PHE B 212 -14.53 2.90 2.68
C PHE B 212 -14.52 4.24 3.42
N GLY B 213 -15.41 5.14 3.03
CA GLY B 213 -15.44 6.48 3.61
C GLY B 213 -15.49 6.51 5.12
N ALA B 214 -16.25 5.58 5.72
CA ALA B 214 -16.46 5.54 7.17
C ALA B 214 -15.24 5.10 7.96
N LEU B 215 -14.26 4.48 7.29
CA LEU B 215 -13.09 3.94 7.98
C LEU B 215 -12.32 5.06 8.65
N PRO B 216 -11.74 4.79 9.82
CA PRO B 216 -10.99 5.86 10.48
C PRO B 216 -9.68 6.24 9.74
N VAL B 217 -9.30 5.45 8.75
CA VAL B 217 -8.09 5.72 7.96
C VAL B 217 -8.41 6.29 6.58
N SER B 218 -9.70 6.52 6.30
CA SER B 218 -10.08 7.01 4.97
C SER B 218 -9.48 8.40 4.74
N GLU B 219 -9.62 9.30 5.71
CA GLU B 219 -9.06 10.64 5.52
C GLU B 219 -7.56 10.65 5.20
N SER B 220 -6.80 9.82 5.93
N SER B 220 -6.79 9.83 5.93
CA SER B 220 -5.35 9.80 5.79
CA SER B 220 -5.34 9.83 5.78
C SER B 220 -4.93 9.19 4.45
C SER B 220 -4.91 9.18 4.45
N LEU B 221 -5.54 8.06 4.09
CA LEU B 221 -5.27 7.41 2.82
C LEU B 221 -5.56 8.37 1.65
N VAL B 222 -6.77 8.94 1.65
CA VAL B 222 -7.19 9.80 0.56
C VAL B 222 -6.33 11.07 0.43
N LYS B 223 -6.11 11.79 1.54
CA LYS B 223 -5.30 13.04 1.50
C LYS B 223 -3.85 12.85 1.11
N THR B 224 -3.25 11.75 1.56
CA THR B 224 -1.87 11.45 1.18
C THR B 224 -1.82 11.25 -0.34
N LEU B 225 -2.73 10.42 -0.86
CA LEU B 225 -2.80 10.18 -2.32
C LEU B 225 -3.05 11.48 -3.10
N ILE B 226 -3.96 12.33 -2.61
CA ILE B 226 -4.24 13.62 -3.23
C ILE B 226 -2.98 14.49 -3.27
N SER B 227 -2.24 14.51 -2.16
CA SER B 227 -0.99 15.26 -2.07
C SER B 227 0.04 14.84 -3.10
N GLU B 228 0.10 13.54 -3.39
CA GLU B 228 1.02 13.00 -4.41
C GLU B 228 0.62 13.44 -5.81
N PHE B 229 -0.68 13.30 -6.15
CA PHE B 229 -1.19 13.86 -7.41
C PHE B 229 -0.86 15.35 -7.55
N ALA B 230 -1.16 16.14 -6.52
CA ALA B 230 -0.89 17.58 -6.53
C ALA B 230 0.59 17.95 -6.63
N ALA B 231 1.45 17.22 -5.91
CA ALA B 231 2.89 17.46 -5.96
C ALA B 231 3.48 17.33 -7.37
N VAL B 232 3.05 16.29 -8.09
CA VAL B 232 3.48 16.04 -9.46
C VAL B 232 2.81 17.00 -10.48
N ALA B 233 1.50 17.23 -10.34
CA ALA B 233 0.81 18.18 -11.21
C ALA B 233 1.47 19.56 -11.16
N GLU B 234 1.83 19.96 -9.94
CA GLU B 234 2.52 21.23 -9.72
C GLU B 234 3.75 21.41 -10.62
N LYS B 235 4.51 20.32 -10.82
CA LYS B 235 5.69 20.35 -11.70
C LYS B 235 5.34 20.64 -13.15
N GLU B 236 4.10 20.35 -13.53
CA GLU B 236 3.59 20.59 -14.87
C GLU B 236 2.68 21.84 -14.87
N ALA B 237 2.76 22.62 -13.79
CA ALA B 237 2.10 23.91 -13.74
C ALA B 237 0.59 23.77 -13.70
N ILE B 238 0.14 22.74 -12.98
CA ILE B 238 -1.27 22.52 -12.72
C ILE B 238 -1.39 22.51 -11.18
N TYR B 239 -2.27 23.34 -10.64
CA TYR B 239 -2.32 23.62 -9.20
C TYR B 239 -3.64 23.12 -8.64
N LEU B 240 -3.64 21.87 -8.18
CA LEU B 240 -4.88 21.22 -7.75
C LEU B 240 -5.36 21.82 -6.44
N ASP B 241 -6.66 22.06 -6.37
CA ASP B 241 -7.28 22.47 -5.13
C ASP B 241 -7.55 21.21 -4.28
N GLN B 242 -6.65 20.94 -3.35
CA GLN B 242 -6.61 19.66 -2.63
C GLN B 242 -7.80 19.52 -1.69
N ALA B 243 -8.24 20.65 -1.15
CA ALA B 243 -9.44 20.72 -0.31
C ALA B 243 -10.71 20.48 -1.11
N GLU B 244 -10.82 21.10 -2.29
CA GLU B 244 -11.98 20.87 -3.15
C GLU B 244 -12.06 19.41 -3.59
N VAL B 245 -10.90 18.83 -3.93
CA VAL B 245 -10.87 17.43 -4.35
C VAL B 245 -11.32 16.51 -3.20
N TYR B 246 -10.80 16.75 -1.99
CA TYR B 246 -11.25 15.98 -0.81
C TYR B 246 -12.75 16.11 -0.57
N THR B 247 -13.26 17.33 -0.69
CA THR B 247 -14.68 17.61 -0.49
C THR B 247 -15.54 16.84 -1.48
N HIS B 248 -15.11 16.81 -2.73
CA HIS B 248 -15.79 16.02 -3.74
C HIS B 248 -15.82 14.53 -3.37
N ILE B 249 -14.67 14.01 -2.95
CA ILE B 249 -14.57 12.61 -2.57
C ILE B 249 -15.49 12.29 -1.36
N VAL B 250 -15.49 13.16 -0.36
CA VAL B 250 -16.38 12.94 0.76
C VAL B 250 -17.87 12.87 0.32
N GLN B 251 -18.27 13.75 -0.61
N GLN B 251 -18.26 13.75 -0.60
CA GLN B 251 -19.64 13.77 -1.12
CA GLN B 251 -19.63 13.76 -1.15
C GLN B 251 -20.06 12.46 -1.82
C GLN B 251 -20.04 12.39 -1.69
N THR B 252 -19.10 11.71 -2.34
CA THR B 252 -19.36 10.40 -2.95
C THR B 252 -19.74 9.35 -1.90
N TYR B 253 -19.36 9.57 -0.64
CA TYR B 253 -19.67 8.65 0.46
C TYR B 253 -21.18 8.60 0.78
N ASP B 254 -21.90 9.67 0.44
CA ASP B 254 -23.33 9.74 0.72
C ASP B 254 -24.10 8.56 0.15
N PRO B 255 -24.75 7.75 1.02
CA PRO B 255 -25.52 6.64 0.46
C PRO B 255 -26.73 7.12 -0.38
N ASN B 256 -27.19 8.36 -0.19
CA ASN B 256 -28.20 8.97 -1.09
C ASN B 256 -27.67 9.21 -2.51
N GLY B 257 -26.36 9.45 -2.62
CA GLY B 257 -25.71 9.58 -3.92
C GLY B 257 -25.17 8.26 -4.42
N ILE B 258 -23.84 8.15 -4.51
CA ILE B 258 -23.21 6.94 -5.03
C ILE B 258 -22.52 6.07 -3.97
N GLY B 259 -22.69 6.43 -2.70
CA GLY B 259 -22.07 5.73 -1.57
C GLY B 259 -22.19 4.21 -1.56
N LEU B 260 -23.36 3.71 -1.95
CA LEU B 260 -23.62 2.26 -1.95
C LEU B 260 -23.07 1.54 -3.19
N HIS B 261 -22.52 2.32 -4.13
CA HIS B 261 -21.91 1.72 -5.31
C HIS B 261 -20.44 1.35 -5.06
N TYR B 262 -19.92 0.49 -5.94
CA TYR B 262 -18.51 0.13 -5.99
C TYR B 262 -17.92 0.89 -7.18
N PRO B 263 -16.67 1.36 -7.08
CA PRO B 263 -16.07 2.16 -8.15
C PRO B 263 -15.74 1.27 -9.36
N SER B 264 -15.49 1.88 -10.51
CA SER B 264 -15.31 1.13 -11.75
C SER B 264 -14.16 0.14 -11.73
N MSE B 265 -13.07 0.46 -11.02
CA MSE B 265 -11.94 -0.46 -10.96
C MSE B 265 -12.32 -1.74 -10.22
O MSE B 265 -11.90 -2.83 -10.59
CB MSE B 265 -10.73 0.20 -10.29
CG MSE B 265 -9.50 -0.68 -10.31
SE MSE B 265 -7.90 0.21 -9.68
CE MSE B 265 -7.66 1.65 -11.18
N TYR B 266 -13.11 -1.59 -9.16
CA TYR B 266 -13.65 -2.72 -8.41
C TYR B 266 -14.48 -3.64 -9.34
N GLN B 267 -15.38 -3.05 -10.15
CA GLN B 267 -16.19 -3.83 -11.12
C GLN B 267 -15.32 -4.54 -12.12
N ASP B 268 -14.29 -3.84 -12.64
CA ASP B 268 -13.30 -4.44 -13.55
C ASP B 268 -12.64 -5.67 -12.96
N LEU B 269 -11.98 -5.49 -11.82
CA LEU B 269 -11.13 -6.54 -11.29
C LEU B 269 -11.88 -7.52 -10.41
N ILE B 270 -12.57 -6.99 -9.40
CA ILE B 270 -13.19 -7.85 -8.40
C ILE B 270 -14.42 -8.59 -8.94
N LYS B 271 -15.28 -7.88 -9.68
CA LYS B 271 -16.46 -8.52 -10.31
C LYS B 271 -16.12 -9.36 -11.52
N ASN B 272 -15.34 -8.78 -12.44
CA ASN B 272 -15.17 -9.34 -13.78
C ASN B 272 -13.81 -9.98 -14.09
N HIS B 273 -12.88 -9.92 -13.12
CA HIS B 273 -11.52 -10.47 -13.31
C HIS B 273 -10.87 -9.97 -14.60
N ARG B 274 -11.00 -8.67 -14.81
CA ARG B 274 -10.40 -7.95 -15.91
C ARG B 274 -9.27 -7.03 -15.39
N LEU B 275 -8.21 -6.90 -16.19
CA LEU B 275 -7.11 -5.97 -15.88
C LEU B 275 -7.63 -4.53 -15.70
N THR B 276 -7.02 -3.81 -14.77
CA THR B 276 -7.48 -2.48 -14.39
C THR B 276 -6.78 -1.40 -15.21
N GLU B 277 -7.25 -0.16 -15.08
CA GLU B 277 -6.61 1.01 -15.69
C GLU B 277 -5.52 1.66 -14.81
N ILE B 278 -5.05 0.94 -13.78
CA ILE B 278 -4.19 1.56 -12.75
C ILE B 278 -2.91 2.22 -13.31
N ASP B 279 -2.35 1.66 -14.37
CA ASP B 279 -1.13 2.19 -14.97
C ASP B 279 -1.28 3.60 -15.51
N TYR B 280 -2.53 4.00 -15.80
CA TYR B 280 -2.86 5.30 -16.40
C TYR B 280 -3.49 6.23 -15.41
N ILE B 281 -3.44 5.85 -14.13
CA ILE B 281 -3.95 6.68 -13.06
C ILE B 281 -2.79 6.81 -12.06
N ASN B 282 -2.77 5.95 -11.04
CA ASN B 282 -1.69 5.99 -10.06
C ASN B 282 -0.33 5.67 -10.68
N GLY B 283 -0.29 4.73 -11.63
CA GLY B 283 0.95 4.37 -12.32
C GLY B 283 1.56 5.56 -13.08
N ALA B 284 0.70 6.43 -13.59
CA ALA B 284 1.11 7.59 -14.35
C ALA B 284 1.71 8.67 -13.45
N VAL B 285 1.11 8.91 -12.29
CA VAL B 285 1.68 9.81 -11.27
C VAL B 285 3.05 9.30 -10.83
N TRP B 286 3.15 8.00 -10.61
CA TRP B 286 4.38 7.35 -10.19
C TRP B 286 5.47 7.51 -11.26
N ARG B 287 5.14 7.20 -12.52
CA ARG B 287 6.10 7.42 -13.63
C ARG B 287 6.59 8.89 -13.69
N LYS B 288 5.66 9.83 -13.64
CA LYS B 288 6.04 11.25 -13.68
C LYS B 288 6.87 11.67 -12.48
N GLY B 289 6.45 11.24 -11.27
CA GLY B 289 7.21 11.51 -10.07
C GLY B 289 8.66 11.05 -10.14
N GLN B 290 8.90 9.90 -10.72
CA GLN B 290 10.25 9.38 -10.87
C GLN B 290 11.07 10.31 -11.74
N LYS B 291 10.48 10.83 -12.80
CA LYS B 291 11.26 11.68 -13.70
C LYS B 291 11.41 13.10 -13.16
N TYR B 292 10.51 13.51 -12.27
CA TYR B 292 10.59 14.85 -11.67
C TYR B 292 11.25 14.88 -10.30
N ASN B 293 11.69 13.72 -9.82
CA ASN B 293 12.27 13.63 -8.47
C ASN B 293 11.26 13.99 -7.37
N VAL B 294 10.02 13.52 -7.55
CA VAL B 294 8.95 13.71 -6.58
C VAL B 294 8.54 12.35 -6.05
N ALA B 295 8.58 12.20 -4.74
CA ALA B 295 8.18 10.95 -4.10
C ALA B 295 6.68 10.72 -4.28
N THR B 296 6.29 9.55 -4.75
CA THR B 296 4.87 9.19 -4.86
C THR B 296 4.67 7.76 -4.32
N PRO B 297 5.07 7.50 -3.05
CA PRO B 297 5.06 6.12 -2.56
C PRO B 297 3.68 5.46 -2.41
N PHE B 298 2.66 6.21 -1.99
CA PHE B 298 1.31 5.60 -1.92
C PHE B 298 0.82 5.20 -3.30
N CYS B 299 1.05 6.05 -4.30
CA CYS B 299 0.72 5.67 -5.69
C CYS B 299 1.46 4.44 -6.12
N ALA B 300 2.75 4.36 -5.78
CA ALA B 300 3.59 3.22 -6.15
C ALA B 300 3.12 1.93 -5.49
N MSE B 301 2.87 1.98 -4.19
CA MSE B 301 2.42 0.80 -3.49
C MSE B 301 1.04 0.35 -3.95
O MSE B 301 0.80 -0.83 -4.13
CB MSE B 301 2.40 1.01 -1.99
CG MSE B 301 2.03 -0.29 -1.26
SE MSE B 301 2.12 -0.20 0.69
CE MSE B 301 2.11 1.51 0.98
N LEU B 302 0.15 1.30 -4.13
CA LEU B 302 -1.21 0.97 -4.56
C LEU B 302 -1.18 0.33 -5.93
N THR B 303 -0.37 0.89 -6.82
CA THR B 303 -0.20 0.32 -8.18
C THR B 303 0.28 -1.14 -8.11
N GLN B 304 1.33 -1.39 -7.31
CA GLN B 304 1.89 -2.72 -7.15
C GLN B 304 0.89 -3.71 -6.52
N LEU B 305 0.12 -3.25 -5.53
CA LEU B 305 -0.88 -4.10 -4.87
C LEU B 305 -1.97 -4.50 -5.85
N VAL B 306 -2.46 -3.53 -6.63
CA VAL B 306 -3.48 -3.79 -7.66
C VAL B 306 -2.98 -4.80 -8.70
N HIS B 307 -1.77 -4.56 -9.23
CA HIS B 307 -1.12 -5.53 -10.10
C HIS B 307 -0.93 -6.89 -9.45
N GLY B 308 -0.60 -6.90 -8.15
CA GLY B 308 -0.55 -8.14 -7.37
C GLY B 308 -1.88 -8.88 -7.38
N LYS B 309 -2.95 -8.16 -7.04
CA LYS B 309 -4.30 -8.73 -7.06
C LYS B 309 -4.75 -9.23 -8.46
N GLU B 310 -4.43 -8.48 -9.52
CA GLU B 310 -4.72 -8.91 -10.89
C GLU B 310 -4.12 -10.30 -11.15
N GLU B 311 -2.84 -10.46 -10.83
CA GLU B 311 -2.15 -11.74 -10.96
C GLU B 311 -2.81 -12.85 -10.14
N LEU B 312 -3.12 -12.56 -8.87
CA LEU B 312 -3.78 -13.54 -8.00
C LEU B 312 -5.15 -14.00 -8.52
N LEU B 313 -5.89 -13.09 -9.15
CA LEU B 313 -7.23 -13.38 -9.64
C LEU B 313 -7.24 -13.92 -11.06
N GLY B 314 -6.05 -13.97 -11.68
CA GLY B 314 -5.88 -14.29 -13.10
C GLY B 314 -6.64 -13.35 -14.04
N ALA B 315 -6.63 -12.05 -13.74
CA ALA B 315 -7.32 -11.06 -14.55
C ALA B 315 -6.77 -11.04 -15.97
N LYS B 316 -7.62 -10.76 -16.95
CA LYS B 316 -7.21 -10.77 -18.36
C LYS B 316 -7.54 -9.47 -19.09
S SO4 C . 12.02 -12.30 52.57
O1 SO4 C . 11.20 -13.07 51.62
O2 SO4 C . 11.16 -11.34 53.26
O3 SO4 C . 12.60 -13.21 53.56
O4 SO4 C . 13.10 -11.63 51.84
MG MG D . -17.52 -0.09 11.19
#